data_1E8N
#
_entry.id   1E8N
#
_cell.length_a   70.700
_cell.length_b   99.700
_cell.length_c   110.700
_cell.angle_alpha   90.00
_cell.angle_beta   90.00
_cell.angle_gamma   90.00
#
_symmetry.space_group_name_H-M   'P 21 21 21'
#
loop_
_entity.id
_entity.type
_entity.pdbx_description
1 polymer 'PROLYL ENDOPEPTIDASE'
2 polymer 'PEPTIDE INHIBITOR'
3 non-polymer GLYCEROL
4 water water
#
loop_
_entity_poly.entity_id
_entity_poly.type
_entity_poly.pdbx_seq_one_letter_code
_entity_poly.pdbx_strand_id
1 'polypeptide(L)'
;MLSFQYPDVYRDETAIQDYHGHKVCDPYAWLEDPDSEQTKAFVEAQNKITVPFLEQCPIRGLYKERMTELYDYPKYSCHF
KKGKRYFYFYNTGLQNQRVLYVQDSLEGEARVFLDPNILSDDGTVALRGYAFSEDGEYFAYGLSASGSDWVTIKFMKVDG
AKELPDVLERVKFSCMAWTHDGKGMFYNAYPQQDGKSDGTETSTNLHQKLYYHVLGTDQSEDILCAEFPDEPKWMGGAEL
SDDGRYVLLSIREGCDPVNRLWYCDLQQESNGITGILKWVKLIDNFEGEYDYVTNEGTVFTFKTNRHSPNYRLINIDFTD
PEESKWKVLVPEHEKDVLEWVACVRSNFLVLCYLHDVKNTLQLHDLATGALLKIFPLEVGSVVGYSGQKKDTEIFYQFTS
FLSPGIIYHCDLTKEELEPRVFREVTVKGIDASDYQTVQIFYPSKDGTKIPMFIVHKKGIKLDGSHPAFLYGYGGFNISI
TPNYSVSRLIFVRHMGGVLAVANIRGGGEYGETWHKGGILANKQNCFDDFQCAAEYLIKEGYTSPKRLTINGGANGGLLV
ATCANQRPDLFGCVIAQVGVMDMLKFHKYTIGHAWTTDYGCSDSKQHFEWLIKYSPLHNVKLPEADDIQYPSMLLLTADH
DDRVVPLHSLKFIATLQYIVGRSRKQNNPLLIHVDTKAGHGAGKPTAKVIEEVSDMFAFIARCLNIDWIP
;
A
2 'polypeptide(L)' (BE2)GFGPFGFA I
#
# COMPACT_ATOMS: atom_id res chain seq x y z
N MET A 1 -22.68 -34.03 -5.38
CA MET A 1 -21.98 -33.25 -6.44
C MET A 1 -21.67 -31.88 -5.83
N LEU A 2 -21.72 -30.82 -6.62
CA LEU A 2 -21.45 -29.47 -6.13
C LEU A 2 -22.61 -29.02 -5.25
N SER A 3 -22.35 -28.10 -4.32
CA SER A 3 -23.39 -27.61 -3.43
C SER A 3 -24.17 -26.42 -4.01
N PHE A 4 -23.69 -25.89 -5.13
CA PHE A 4 -24.32 -24.76 -5.79
C PHE A 4 -24.07 -24.82 -7.29
N GLN A 5 -24.66 -23.88 -8.02
CA GLN A 5 -24.51 -23.82 -9.47
C GLN A 5 -23.99 -22.44 -9.86
N TYR A 6 -23.02 -22.40 -10.76
CA TYR A 6 -22.44 -21.14 -11.22
C TYR A 6 -23.46 -20.38 -12.08
N PRO A 7 -23.52 -19.06 -11.94
CA PRO A 7 -24.44 -18.20 -12.69
C PRO A 7 -24.24 -18.24 -14.21
N ASP A 8 -25.32 -18.01 -14.95
CA ASP A 8 -25.26 -17.94 -16.41
C ASP A 8 -24.59 -16.61 -16.69
N VAL A 9 -23.55 -16.62 -17.53
CA VAL A 9 -22.86 -15.37 -17.86
C VAL A 9 -22.68 -15.32 -19.38
N TYR A 10 -23.31 -14.34 -20.01
CA TYR A 10 -23.25 -14.18 -21.47
C TYR A 10 -21.83 -14.01 -21.98
N ARG A 11 -21.50 -14.69 -23.07
CA ARG A 11 -20.20 -14.59 -23.71
C ARG A 11 -20.31 -13.82 -25.03
N ASP A 12 -19.69 -12.66 -25.12
CA ASP A 12 -19.73 -11.92 -26.36
C ASP A 12 -18.59 -12.48 -27.23
N GLU A 13 -18.90 -13.50 -28.03
CA GLU A 13 -17.92 -14.14 -28.91
C GLU A 13 -17.48 -13.22 -30.08
N THR A 14 -18.07 -12.04 -30.21
CA THR A 14 -17.68 -11.13 -31.28
C THR A 14 -16.58 -10.19 -30.78
N ALA A 15 -16.35 -10.15 -29.47
CA ALA A 15 -15.33 -9.29 -28.89
C ALA A 15 -13.95 -9.84 -29.19
N ILE A 16 -13.40 -9.44 -30.34
CA ILE A 16 -12.08 -9.90 -30.77
C ILE A 16 -11.22 -8.69 -31.08
N GLN A 17 -10.00 -8.69 -30.57
CA GLN A 17 -9.07 -7.58 -30.80
C GLN A 17 -7.71 -8.10 -31.24
N ASP A 18 -7.11 -7.42 -32.21
CA ASP A 18 -5.81 -7.80 -32.69
C ASP A 18 -4.72 -7.05 -31.96
N TYR A 19 -3.82 -7.81 -31.36
CA TYR A 19 -2.68 -7.26 -30.65
C TYR A 19 -1.44 -7.68 -31.41
N HIS A 20 -0.96 -6.81 -32.29
CA HIS A 20 0.26 -7.07 -33.06
C HIS A 20 0.23 -8.39 -33.84
N GLY A 21 -0.94 -8.77 -34.34
CA GLY A 21 -1.05 -10.03 -35.08
C GLY A 21 -1.57 -11.18 -34.24
N HIS A 22 -1.69 -10.95 -32.94
CA HIS A 22 -2.18 -11.95 -32.00
C HIS A 22 -3.65 -11.63 -31.75
N LYS A 23 -4.54 -12.57 -32.06
CA LYS A 23 -5.97 -12.37 -31.87
C LYS A 23 -6.35 -12.70 -30.44
N VAL A 24 -7.02 -11.76 -29.78
CA VAL A 24 -7.47 -11.96 -28.40
C VAL A 24 -8.98 -11.76 -28.27
N CYS A 25 -9.65 -12.78 -27.77
CA CYS A 25 -11.10 -12.73 -27.57
C CYS A 25 -11.32 -12.28 -26.13
N ASP A 26 -12.25 -11.37 -25.93
CA ASP A 26 -12.58 -10.86 -24.58
C ASP A 26 -14.09 -10.98 -24.42
N PRO A 27 -14.61 -12.22 -24.30
CA PRO A 27 -16.05 -12.49 -24.17
C PRO A 27 -16.80 -11.81 -23.04
N TYR A 28 -16.08 -11.38 -22.00
CA TYR A 28 -16.71 -10.71 -20.86
C TYR A 28 -16.35 -9.22 -20.79
N ALA A 29 -16.01 -8.62 -21.94
CA ALA A 29 -15.65 -7.21 -21.96
C ALA A 29 -16.77 -6.33 -21.40
N TRP A 30 -18.00 -6.79 -21.54
CA TRP A 30 -19.16 -6.03 -21.07
C TRP A 30 -19.16 -5.80 -19.55
N LEU A 31 -18.40 -6.61 -18.82
CA LEU A 31 -18.30 -6.45 -17.37
C LEU A 31 -17.48 -5.22 -17.01
N GLU A 32 -16.88 -4.59 -18.02
CA GLU A 32 -16.11 -3.37 -17.80
C GLU A 32 -17.01 -2.18 -17.46
N ASP A 33 -18.31 -2.30 -17.72
CA ASP A 33 -19.24 -1.22 -17.39
C ASP A 33 -19.86 -1.52 -16.03
N PRO A 34 -19.46 -0.77 -15.00
CA PRO A 34 -20.01 -1.01 -13.66
C PRO A 34 -21.47 -0.64 -13.47
N ASP A 35 -21.99 0.23 -14.34
CA ASP A 35 -23.36 0.73 -14.21
C ASP A 35 -24.48 0.00 -14.94
N SER A 36 -24.12 -0.92 -15.82
CA SER A 36 -25.11 -1.66 -16.59
C SER A 36 -25.92 -2.60 -15.71
N GLU A 37 -27.15 -2.89 -16.14
CA GLU A 37 -28.00 -3.82 -15.41
C GLU A 37 -27.40 -5.21 -15.51
N GLN A 38 -26.70 -5.48 -16.62
CA GLN A 38 -26.06 -6.76 -16.85
C GLN A 38 -24.94 -7.03 -15.83
N THR A 39 -24.12 -6.01 -15.57
CA THR A 39 -23.02 -6.16 -14.62
C THR A 39 -23.54 -6.23 -13.20
N LYS A 40 -24.51 -5.37 -12.90
CA LYS A 40 -25.09 -5.39 -11.57
C LYS A 40 -25.74 -6.75 -11.28
N ALA A 41 -26.39 -7.35 -12.27
CA ALA A 41 -27.02 -8.65 -12.09
C ALA A 41 -25.97 -9.74 -11.90
N PHE A 42 -24.83 -9.59 -12.58
CA PHE A 42 -23.74 -10.55 -12.46
C PHE A 42 -23.19 -10.52 -11.04
N VAL A 43 -22.95 -9.33 -10.52
CA VAL A 43 -22.41 -9.19 -9.16
C VAL A 43 -23.37 -9.79 -8.15
N GLU A 44 -24.65 -9.50 -8.29
CA GLU A 44 -25.64 -10.04 -7.35
C GLU A 44 -25.70 -11.56 -7.40
N ALA A 45 -25.65 -12.13 -8.61
CA ALA A 45 -25.68 -13.58 -8.80
C ALA A 45 -24.47 -14.26 -8.19
N GLN A 46 -23.31 -13.64 -8.30
CA GLN A 46 -22.10 -14.23 -7.72
C GLN A 46 -22.11 -14.19 -6.20
N ASN A 47 -22.47 -13.04 -5.65
CA ASN A 47 -22.53 -12.88 -4.21
C ASN A 47 -23.55 -13.85 -3.61
N LYS A 48 -24.60 -14.15 -4.37
CA LYS A 48 -25.66 -15.05 -3.94
C LYS A 48 -25.18 -16.48 -3.68
N ILE A 49 -24.13 -16.93 -4.38
CA ILE A 49 -23.62 -18.27 -4.13
C ILE A 49 -22.42 -18.25 -3.20
N THR A 50 -21.65 -17.16 -3.22
CA THR A 50 -20.48 -17.06 -2.35
C THR A 50 -20.81 -16.91 -0.87
N VAL A 51 -21.76 -16.03 -0.54
CA VAL A 51 -22.09 -15.80 0.85
C VAL A 51 -22.55 -17.05 1.60
N PRO A 52 -23.49 -17.82 1.01
CA PRO A 52 -23.91 -19.04 1.72
C PRO A 52 -22.75 -20.03 1.86
N PHE A 53 -21.84 -20.07 0.89
CA PHE A 53 -20.73 -21.01 0.96
C PHE A 53 -19.81 -20.66 2.13
N LEU A 54 -19.58 -19.37 2.30
CA LEU A 54 -18.70 -18.90 3.37
C LEU A 54 -19.30 -18.99 4.76
N GLU A 55 -20.62 -18.89 4.84
CA GLU A 55 -21.29 -18.89 6.13
C GLU A 55 -21.98 -20.19 6.54
N GLN A 56 -21.87 -21.21 5.70
CA GLN A 56 -22.50 -22.50 5.99
C GLN A 56 -21.92 -23.18 7.22
N CYS A 57 -20.60 -23.28 7.27
CA CYS A 57 -19.92 -23.93 8.39
C CYS A 57 -19.78 -22.99 9.59
N PRO A 58 -19.96 -23.50 10.81
CA PRO A 58 -19.84 -22.68 12.02
C PRO A 58 -18.45 -22.04 12.25
N ILE A 59 -17.45 -22.50 11.51
CA ILE A 59 -16.10 -21.97 11.69
C ILE A 59 -16.02 -20.46 11.41
N ARG A 60 -16.83 -19.96 10.48
CA ARG A 60 -16.77 -18.52 10.22
C ARG A 60 -17.18 -17.74 11.47
N GLY A 61 -18.21 -18.23 12.16
CA GLY A 61 -18.67 -17.57 13.38
C GLY A 61 -17.65 -17.66 14.49
N LEU A 62 -17.01 -18.81 14.61
CA LEU A 62 -15.99 -19.01 15.64
C LEU A 62 -14.83 -18.06 15.38
N TYR A 63 -14.44 -17.95 14.11
CA TYR A 63 -13.34 -17.08 13.75
C TYR A 63 -13.70 -15.62 14.02
N LYS A 64 -14.87 -15.22 13.56
CA LYS A 64 -15.31 -13.85 13.73
C LYS A 64 -15.37 -13.46 15.20
N GLU A 65 -15.81 -14.40 16.03
CA GLU A 65 -15.91 -14.17 17.46
C GLU A 65 -14.53 -13.99 18.09
N ARG A 66 -13.59 -14.84 17.70
CA ARG A 66 -12.24 -14.77 18.23
C ARG A 66 -11.55 -13.50 17.73
N MET A 67 -11.78 -13.15 16.47
CA MET A 67 -11.17 -11.95 15.89
C MET A 67 -11.69 -10.71 16.61
N THR A 68 -13.00 -10.65 16.84
CA THR A 68 -13.60 -9.52 17.51
C THR A 68 -13.03 -9.38 18.92
N GLU A 69 -12.82 -10.51 19.58
CA GLU A 69 -12.27 -10.49 20.93
C GLU A 69 -10.80 -10.06 20.97
N LEU A 70 -9.97 -10.75 20.20
CA LEU A 70 -8.53 -10.47 20.16
C LEU A 70 -8.13 -9.14 19.54
N TYR A 71 -8.85 -8.71 18.51
CA TYR A 71 -8.54 -7.43 17.87
C TYR A 71 -8.97 -6.25 18.75
N ASP A 72 -9.73 -6.55 19.80
CA ASP A 72 -10.19 -5.52 20.72
C ASP A 72 -9.11 -5.16 21.73
N TYR A 73 -8.16 -4.35 21.29
CA TYR A 73 -7.08 -3.89 22.16
C TYR A 73 -6.80 -2.44 21.77
N PRO A 74 -6.39 -1.60 22.74
CA PRO A 74 -6.12 -0.20 22.45
C PRO A 74 -5.00 -0.02 21.43
N LYS A 75 -5.28 0.76 20.39
CA LYS A 75 -4.33 1.02 19.33
C LYS A 75 -3.96 2.49 19.26
N TYR A 76 -2.69 2.78 19.50
CA TYR A 76 -2.18 4.15 19.48
C TYR A 76 -1.15 4.33 18.38
N SER A 77 -1.09 5.55 17.87
CA SER A 77 -0.08 5.93 16.88
C SER A 77 0.91 6.72 17.75
N CYS A 78 2.10 7.01 17.24
CA CYS A 78 3.00 7.79 18.06
C CYS A 78 2.57 9.26 18.08
N HIS A 79 2.99 9.98 19.10
CA HIS A 79 2.68 11.39 19.23
C HIS A 79 3.46 12.20 18.22
N PHE A 80 2.89 13.32 17.81
CA PHE A 80 3.60 14.25 16.94
C PHE A 80 3.20 15.63 17.42
N LYS A 81 4.15 16.55 17.41
CA LYS A 81 3.89 17.91 17.87
C LYS A 81 3.69 18.83 16.68
N LYS A 82 2.73 19.75 16.82
CA LYS A 82 2.46 20.75 15.81
C LYS A 82 2.18 22.02 16.60
N GLY A 83 3.02 23.02 16.40
CA GLY A 83 2.86 24.26 17.15
C GLY A 83 3.10 23.97 18.62
N LYS A 84 2.20 24.47 19.46
CA LYS A 84 2.30 24.29 20.90
C LYS A 84 1.57 23.05 21.40
N ARG A 85 1.01 22.26 20.50
CA ARG A 85 0.25 21.09 20.94
C ARG A 85 0.75 19.74 20.45
N TYR A 86 0.35 18.70 21.15
CA TYR A 86 0.67 17.32 20.79
C TYR A 86 -0.58 16.64 20.22
N PHE A 87 -0.37 15.78 19.24
CA PHE A 87 -1.47 15.05 18.60
C PHE A 87 -1.14 13.56 18.51
N TYR A 88 -2.16 12.70 18.50
CA TYR A 88 -1.97 11.26 18.35
C TYR A 88 -3.27 10.57 17.96
N PHE A 89 -3.15 9.48 17.23
CA PHE A 89 -4.34 8.72 16.85
C PHE A 89 -4.55 7.58 17.85
N TYR A 90 -5.79 7.28 18.15
CA TYR A 90 -6.12 6.23 19.11
C TYR A 90 -7.49 5.63 18.84
N ASN A 91 -7.54 4.31 18.93
CA ASN A 91 -8.77 3.55 18.73
C ASN A 91 -8.87 2.71 20.00
N THR A 92 -9.97 2.89 20.75
CA THR A 92 -10.18 2.14 21.98
C THR A 92 -10.06 0.64 21.76
N GLY A 93 -10.37 0.20 20.55
CA GLY A 93 -10.25 -1.21 20.23
C GLY A 93 -11.01 -1.61 18.98
N LEU A 94 -12.31 -1.35 18.97
CA LEU A 94 -13.14 -1.73 17.86
C LEU A 94 -13.84 -0.58 17.16
N GLN A 95 -13.44 0.65 17.44
CA GLN A 95 -14.07 1.76 16.74
C GLN A 95 -13.79 1.56 15.25
N ASN A 96 -14.73 1.93 14.40
CA ASN A 96 -14.52 1.73 12.97
C ASN A 96 -13.34 2.49 12.41
N GLN A 97 -13.11 3.69 12.94
CA GLN A 97 -12.02 4.55 12.49
C GLN A 97 -11.26 5.05 13.71
N ARG A 98 -9.93 5.15 13.60
CA ARG A 98 -9.15 5.66 14.72
C ARG A 98 -9.46 7.16 14.84
N VAL A 99 -9.36 7.68 16.06
CA VAL A 99 -9.66 9.07 16.36
C VAL A 99 -8.41 9.89 16.63
N LEU A 100 -8.40 11.14 16.16
CA LEU A 100 -7.28 12.04 16.36
C LEU A 100 -7.52 12.86 17.63
N TYR A 101 -6.57 12.74 18.57
CA TYR A 101 -6.62 13.44 19.84
C TYR A 101 -5.59 14.57 19.90
N VAL A 102 -5.84 15.51 20.81
CA VAL A 102 -4.95 16.65 21.00
C VAL A 102 -4.77 16.92 22.48
N GLN A 103 -3.57 17.34 22.85
CA GLN A 103 -3.27 17.71 24.23
C GLN A 103 -2.31 18.87 24.19
N ASP A 104 -2.51 19.85 25.07
CA ASP A 104 -1.68 21.04 25.12
C ASP A 104 -0.32 20.83 25.76
N SER A 105 -0.11 19.64 26.31
CA SER A 105 1.14 19.28 26.96
C SER A 105 1.29 17.77 26.91
N LEU A 106 2.53 17.30 26.97
CA LEU A 106 2.80 15.87 26.94
C LEU A 106 2.16 15.20 28.15
N GLU A 107 2.00 15.96 29.23
CA GLU A 107 1.41 15.44 30.46
C GLU A 107 -0.05 15.89 30.63
N GLY A 108 -0.51 16.80 29.78
CA GLY A 108 -1.87 17.29 29.88
C GLY A 108 -2.93 16.29 29.42
N GLU A 109 -4.17 16.50 29.85
CA GLU A 109 -5.25 15.60 29.46
C GLU A 109 -5.59 15.80 27.99
N ALA A 110 -5.83 14.70 27.30
CA ALA A 110 -6.16 14.75 25.89
C ALA A 110 -7.64 14.92 25.66
N ARG A 111 -7.98 15.42 24.49
CA ARG A 111 -9.37 15.61 24.12
C ARG A 111 -9.51 15.28 22.64
N VAL A 112 -10.70 14.82 22.27
CA VAL A 112 -10.99 14.47 20.89
C VAL A 112 -10.79 15.71 20.00
N PHE A 113 -10.02 15.55 18.94
CA PHE A 113 -9.79 16.63 17.99
C PHE A 113 -10.59 16.38 16.70
N LEU A 114 -10.48 15.18 16.14
CA LEU A 114 -11.22 14.82 14.93
C LEU A 114 -11.65 13.37 15.04
N ASP A 115 -12.96 13.13 15.08
CA ASP A 115 -13.54 11.80 15.20
C ASP A 115 -14.28 11.47 13.92
N PRO A 116 -13.63 10.73 13.00
CA PRO A 116 -14.31 10.39 11.75
C PRO A 116 -15.53 9.47 11.91
N ASN A 117 -15.63 8.80 13.05
CA ASN A 117 -16.73 7.86 13.30
C ASN A 117 -18.11 8.49 13.23
N ILE A 118 -18.20 9.74 13.66
CA ILE A 118 -19.48 10.43 13.65
C ILE A 118 -19.91 10.92 12.27
N LEU A 119 -19.05 10.72 11.26
CA LEU A 119 -19.35 11.14 9.90
C LEU A 119 -20.17 10.15 9.07
N SER A 120 -20.38 8.94 9.61
CA SER A 120 -21.17 7.91 8.91
C SER A 120 -21.63 6.86 9.90
N ASP A 121 -22.74 6.21 9.60
CA ASP A 121 -23.28 5.16 10.46
C ASP A 121 -22.38 3.92 10.48
N ASP A 122 -21.81 3.61 9.32
CA ASP A 122 -20.99 2.41 9.18
C ASP A 122 -19.49 2.63 9.12
N GLY A 123 -19.03 3.85 9.42
CA GLY A 123 -17.60 4.10 9.39
C GLY A 123 -16.97 4.08 8.01
N THR A 124 -17.75 4.38 6.97
CA THR A 124 -17.23 4.38 5.61
C THR A 124 -16.68 5.72 5.12
N VAL A 125 -16.63 6.70 6.01
CA VAL A 125 -16.03 8.00 5.69
C VAL A 125 -14.75 7.96 6.51
N ALA A 126 -13.61 8.12 5.84
CA ALA A 126 -12.33 8.03 6.51
C ALA A 126 -11.40 9.16 6.16
N LEU A 127 -10.47 9.42 7.07
CA LEU A 127 -9.45 10.45 6.88
C LEU A 127 -8.46 9.89 5.86
N ARG A 128 -8.09 10.72 4.89
CA ARG A 128 -7.11 10.34 3.87
C ARG A 128 -6.23 11.56 3.61
N GLY A 129 -5.14 11.67 4.37
CA GLY A 129 -4.22 12.78 4.21
C GLY A 129 -4.64 13.98 5.04
N TYR A 130 -3.65 14.69 5.57
CA TYR A 130 -3.87 15.89 6.35
C TYR A 130 -2.58 16.71 6.39
N ALA A 131 -2.72 18.00 6.73
CA ALA A 131 -1.58 18.89 6.84
C ALA A 131 -1.91 20.05 7.75
N PHE A 132 -1.05 20.27 8.74
CA PHE A 132 -1.20 21.38 9.66
C PHE A 132 -0.42 22.56 9.09
N SER A 133 -0.87 23.75 9.42
CA SER A 133 -0.16 24.96 9.03
C SER A 133 1.16 24.90 9.80
N GLU A 134 2.16 25.63 9.34
CA GLU A 134 3.47 25.62 9.97
C GLU A 134 3.42 25.97 11.46
N ASP A 135 2.53 26.88 11.86
CA ASP A 135 2.44 27.24 13.28
C ASP A 135 1.53 26.30 14.08
N GLY A 136 0.97 25.31 13.39
CA GLY A 136 0.10 24.32 14.02
C GLY A 136 -1.25 24.83 14.46
N GLU A 137 -1.62 26.02 14.01
CA GLU A 137 -2.90 26.65 14.38
C GLU A 137 -4.08 26.36 13.45
N TYR A 138 -3.77 25.86 12.25
CA TYR A 138 -4.80 25.50 11.28
C TYR A 138 -4.54 24.09 10.77
N PHE A 139 -5.63 23.44 10.37
CA PHE A 139 -5.56 22.04 9.97
C PHE A 139 -6.43 21.76 8.74
N ALA A 140 -5.82 21.14 7.73
CA ALA A 140 -6.52 20.74 6.51
C ALA A 140 -6.53 19.21 6.53
N TYR A 141 -7.65 18.60 6.17
CA TYR A 141 -7.71 17.14 6.18
C TYR A 141 -8.56 16.62 5.04
N GLY A 142 -8.21 15.47 4.50
CA GLY A 142 -8.99 14.91 3.42
C GLY A 142 -9.92 13.80 3.90
N LEU A 143 -11.11 13.74 3.31
CA LEU A 143 -12.09 12.72 3.67
C LEU A 143 -12.42 11.96 2.38
N SER A 144 -12.48 10.64 2.50
CA SER A 144 -12.85 9.77 1.38
C SER A 144 -14.06 8.95 1.80
N ALA A 145 -15.03 8.84 0.90
CA ALA A 145 -16.26 8.08 1.15
C ALA A 145 -16.24 6.73 0.44
N SER A 146 -16.70 5.71 1.15
CA SER A 146 -16.81 4.36 0.63
C SER A 146 -15.53 3.76 0.06
N GLY A 147 -14.40 4.17 0.63
CA GLY A 147 -13.13 3.62 0.23
C GLY A 147 -12.50 4.13 -1.05
N SER A 148 -13.16 5.09 -1.71
CA SER A 148 -12.65 5.69 -2.95
C SER A 148 -11.39 6.52 -2.72
N ASP A 149 -10.54 6.63 -3.75
CA ASP A 149 -9.33 7.45 -3.70
C ASP A 149 -9.69 8.94 -3.77
N TRP A 150 -10.88 9.28 -4.24
CA TRP A 150 -11.30 10.69 -4.33
C TRP A 150 -11.33 11.27 -2.94
N VAL A 151 -10.88 12.52 -2.83
CA VAL A 151 -10.82 13.21 -1.56
C VAL A 151 -11.50 14.56 -1.57
N THR A 152 -12.10 14.93 -0.44
CA THR A 152 -12.67 16.25 -0.29
C THR A 152 -11.83 16.80 0.86
N ILE A 153 -11.18 17.94 0.63
CA ILE A 153 -10.38 18.54 1.71
C ILE A 153 -11.19 19.58 2.50
N LYS A 154 -11.18 19.43 3.81
CA LYS A 154 -11.87 20.36 4.70
C LYS A 154 -10.85 21.02 5.63
N PHE A 155 -11.28 22.09 6.30
CA PHE A 155 -10.38 22.84 7.19
C PHE A 155 -10.95 23.10 8.58
N MET A 156 -10.04 23.25 9.54
CA MET A 156 -10.41 23.53 10.93
C MET A 156 -9.40 24.47 11.57
N LYS A 157 -9.86 25.28 12.52
CA LYS A 157 -8.95 26.13 13.28
C LYS A 157 -8.69 25.24 14.49
N VAL A 158 -7.43 24.98 14.79
CA VAL A 158 -7.10 24.08 15.88
C VAL A 158 -7.63 24.48 17.26
N ASP A 159 -7.46 25.73 17.64
CA ASP A 159 -7.94 26.22 18.93
C ASP A 159 -9.47 26.17 18.95
N GLY A 160 -9.99 25.23 19.74
CA GLY A 160 -11.43 25.07 19.84
C GLY A 160 -11.99 24.15 18.78
N ALA A 161 -11.12 23.54 17.96
CA ALA A 161 -11.54 22.63 16.91
C ALA A 161 -12.71 23.22 16.09
N LYS A 162 -12.53 24.44 15.61
CA LYS A 162 -13.57 25.11 14.86
C LYS A 162 -13.60 24.74 13.38
N GLU A 163 -14.76 24.32 12.90
CA GLU A 163 -14.93 23.96 11.49
C GLU A 163 -14.95 25.26 10.69
N LEU A 164 -14.20 25.28 9.58
CA LEU A 164 -14.16 26.43 8.69
C LEU A 164 -14.98 26.12 7.43
N PRO A 165 -15.36 27.15 6.65
CA PRO A 165 -16.16 26.95 5.43
C PRO A 165 -15.44 26.35 4.22
N ASP A 166 -14.13 26.50 4.17
CA ASP A 166 -13.33 26.01 3.04
C ASP A 166 -13.52 24.54 2.70
N VAL A 167 -13.84 24.26 1.44
CA VAL A 167 -14.03 22.90 0.96
C VAL A 167 -13.40 22.78 -0.43
N LEU A 168 -12.50 21.80 -0.60
CA LEU A 168 -11.85 21.58 -1.89
C LEU A 168 -12.26 20.23 -2.47
N GLU A 169 -12.82 20.27 -3.68
CA GLU A 169 -13.27 19.08 -4.40
C GLU A 169 -12.34 18.70 -5.56
N ARG A 170 -12.51 17.47 -6.05
CA ARG A 170 -11.77 16.87 -7.16
C ARG A 170 -10.30 16.61 -6.86
N VAL A 171 -10.05 16.41 -5.58
CA VAL A 171 -8.70 16.14 -5.09
C VAL A 171 -8.45 14.63 -5.14
N LYS A 172 -7.29 14.25 -5.68
CA LYS A 172 -6.91 12.84 -5.78
C LYS A 172 -5.40 12.76 -5.93
N PHE A 173 -4.77 11.81 -5.23
CA PHE A 173 -3.32 11.62 -5.25
C PHE A 173 -2.63 12.97 -5.05
N SER A 174 -3.08 13.68 -4.03
CA SER A 174 -2.63 15.02 -3.73
C SER A 174 -1.73 15.18 -2.53
N CYS A 175 -0.76 16.09 -2.65
CA CYS A 175 0.07 16.40 -1.50
C CYS A 175 -0.69 17.59 -0.88
N MET A 176 -0.34 17.96 0.34
CA MET A 176 -0.95 19.11 1.02
C MET A 176 0.17 19.82 1.73
N ALA A 177 0.40 21.08 1.35
CA ALA A 177 1.48 21.85 1.96
C ALA A 177 1.13 23.33 2.12
N TRP A 178 1.14 23.81 3.36
CA TRP A 178 0.84 25.20 3.64
C TRP A 178 2.07 26.08 3.48
N THR A 179 1.89 27.29 2.94
CA THR A 179 3.01 28.20 2.88
C THR A 179 3.18 28.67 4.34
N HIS A 180 4.41 28.93 4.74
CA HIS A 180 4.69 29.35 6.11
C HIS A 180 4.12 30.69 6.52
N ASP A 181 3.64 31.48 5.56
CA ASP A 181 3.03 32.75 5.92
C ASP A 181 1.59 32.52 6.46
N GLY A 182 1.15 31.26 6.42
CA GLY A 182 -0.17 30.89 6.90
C GLY A 182 -1.33 31.35 6.04
N LYS A 183 -1.02 31.81 4.84
CA LYS A 183 -2.04 32.33 3.94
C LYS A 183 -2.86 31.27 3.22
N GLY A 184 -2.23 30.16 2.87
CA GLY A 184 -2.96 29.15 2.13
C GLY A 184 -2.20 27.86 1.99
N MET A 185 -2.70 26.97 1.14
CA MET A 185 -2.12 25.66 0.99
C MET A 185 -2.12 25.14 -0.43
N PHE A 186 -1.02 24.49 -0.81
CA PHE A 186 -0.89 23.86 -2.12
C PHE A 186 -1.55 22.48 -2.04
N TYR A 187 -2.19 22.08 -3.15
CA TYR A 187 -2.84 20.77 -3.25
C TYR A 187 -3.02 20.44 -4.73
N ASN A 188 -3.40 19.20 -5.02
CA ASN A 188 -3.61 18.75 -6.41
C ASN A 188 -5.05 18.43 -6.68
N ALA A 189 -5.50 18.74 -7.91
CA ALA A 189 -6.87 18.45 -8.32
C ALA A 189 -6.92 18.09 -9.81
N TYR A 190 -7.94 17.33 -10.18
CA TYR A 190 -8.17 16.89 -11.56
C TYR A 190 -9.30 17.68 -12.20
N PRO A 191 -9.21 17.93 -13.51
CA PRO A 191 -10.27 18.68 -14.19
C PRO A 191 -11.62 17.94 -14.12
N GLN A 192 -12.70 18.65 -14.39
CA GLN A 192 -14.03 18.05 -14.39
C GLN A 192 -14.09 16.98 -15.48
N GLN A 193 -14.89 15.94 -15.24
CA GLN A 193 -15.03 14.87 -16.22
C GLN A 193 -16.50 14.47 -16.31
N ASP A 194 -16.88 13.90 -17.44
CA ASP A 194 -18.25 13.43 -17.62
C ASP A 194 -18.44 12.19 -16.77
N GLY A 195 -19.69 11.92 -16.39
CA GLY A 195 -19.96 10.75 -15.58
C GLY A 195 -19.66 11.02 -14.11
N LYS A 196 -19.61 9.95 -13.33
CA LYS A 196 -19.36 10.02 -11.90
C LYS A 196 -17.90 10.14 -11.51
N SER A 197 -17.68 10.62 -10.29
CA SER A 197 -16.37 10.76 -9.70
C SER A 197 -16.56 10.40 -8.24
N ASP A 198 -17.02 9.17 -8.01
CA ASP A 198 -17.28 8.70 -6.66
C ASP A 198 -16.58 7.40 -6.32
N GLY A 199 -15.80 6.88 -7.26
CA GLY A 199 -15.10 5.63 -7.01
C GLY A 199 -15.68 4.43 -7.76
N THR A 200 -16.89 4.58 -8.31
CA THR A 200 -17.49 3.49 -9.08
C THR A 200 -17.19 3.61 -10.59
N GLU A 201 -16.71 4.78 -11.02
CA GLU A 201 -16.38 4.99 -12.44
C GLU A 201 -14.99 4.38 -12.74
N THR A 202 -14.71 4.16 -14.01
CA THR A 202 -13.44 3.58 -14.43
C THR A 202 -12.56 4.59 -15.21
N SER A 203 -13.09 5.79 -15.41
CA SER A 203 -12.44 6.86 -16.16
C SER A 203 -10.97 7.10 -15.81
N THR A 204 -10.12 7.15 -16.83
CA THR A 204 -8.69 7.38 -16.63
C THR A 204 -8.45 8.77 -16.06
N ASN A 205 -7.47 8.88 -15.18
CA ASN A 205 -7.17 10.16 -14.54
C ASN A 205 -5.95 10.82 -15.16
N LEU A 206 -6.18 11.94 -15.85
CA LEU A 206 -5.12 12.69 -16.52
C LEU A 206 -5.18 14.18 -16.22
N HIS A 207 -4.09 14.87 -16.55
CA HIS A 207 -3.98 16.30 -16.37
C HIS A 207 -4.16 16.81 -14.94
N GLN A 208 -3.50 16.14 -14.00
CA GLN A 208 -3.58 16.57 -12.62
C GLN A 208 -2.84 17.91 -12.52
N LYS A 209 -3.42 18.86 -11.80
CA LYS A 209 -2.78 20.16 -11.67
C LYS A 209 -2.46 20.56 -10.24
N LEU A 210 -1.55 21.51 -10.09
CA LEU A 210 -1.17 22.01 -8.78
C LEU A 210 -1.83 23.35 -8.57
N TYR A 211 -2.60 23.45 -7.48
CA TYR A 211 -3.30 24.68 -7.15
C TYR A 211 -2.89 25.18 -5.78
N TYR A 212 -3.21 26.44 -5.52
CA TYR A 212 -2.93 27.08 -4.23
C TYR A 212 -4.25 27.68 -3.76
N HIS A 213 -4.71 27.25 -2.58
CA HIS A 213 -5.96 27.73 -2.01
C HIS A 213 -5.68 28.71 -0.87
N VAL A 214 -6.21 29.92 -0.99
CA VAL A 214 -6.09 30.94 0.04
C VAL A 214 -7.21 30.68 1.05
N LEU A 215 -6.84 30.49 2.30
CA LEU A 215 -7.82 30.21 3.35
C LEU A 215 -8.83 31.37 3.39
N GLY A 216 -10.12 31.03 3.49
CA GLY A 216 -11.18 32.02 3.55
C GLY A 216 -11.77 32.41 2.22
N THR A 217 -11.45 31.67 1.16
CA THR A 217 -11.96 31.96 -0.18
C THR A 217 -12.62 30.72 -0.79
N ASP A 218 -13.35 30.93 -1.89
CA ASP A 218 -14.01 29.82 -2.57
C ASP A 218 -12.97 29.11 -3.42
N GLN A 219 -13.13 27.80 -3.60
CA GLN A 219 -12.18 27.04 -4.42
C GLN A 219 -12.02 27.58 -5.85
N SER A 220 -13.07 28.22 -6.38
CA SER A 220 -13.03 28.76 -7.73
C SER A 220 -12.01 29.87 -7.90
N GLU A 221 -11.57 30.45 -6.78
CA GLU A 221 -10.57 31.52 -6.80
C GLU A 221 -9.14 31.00 -6.71
N ASP A 222 -9.00 29.69 -6.50
CA ASP A 222 -7.68 29.08 -6.37
C ASP A 222 -6.74 29.37 -7.52
N ILE A 223 -5.47 29.53 -7.17
CA ILE A 223 -4.42 29.86 -8.13
C ILE A 223 -3.78 28.63 -8.76
N LEU A 224 -3.70 28.59 -10.09
CA LEU A 224 -3.07 27.48 -10.79
C LEU A 224 -1.57 27.81 -10.80
N CYS A 225 -0.78 26.97 -10.12
CA CYS A 225 0.67 27.18 -9.99
C CYS A 225 1.55 26.33 -10.90
N ALA A 226 1.02 25.21 -11.36
CA ALA A 226 1.76 24.33 -12.27
C ALA A 226 0.80 23.41 -12.99
N GLU A 227 1.10 23.16 -14.27
CA GLU A 227 0.32 22.26 -15.10
C GLU A 227 1.24 21.78 -16.22
N PHE A 228 0.92 20.59 -16.74
CA PHE A 228 1.72 19.96 -17.77
C PHE A 228 0.76 19.47 -18.86
N PRO A 229 0.11 20.40 -19.58
CA PRO A 229 -0.83 20.03 -20.63
C PRO A 229 -0.31 19.13 -21.78
N ASP A 230 1.00 19.11 -21.99
CA ASP A 230 1.57 18.29 -23.06
C ASP A 230 2.02 16.94 -22.54
N GLU A 231 1.93 16.74 -21.23
CA GLU A 231 2.33 15.49 -20.58
C GLU A 231 1.21 15.15 -19.60
N PRO A 232 0.09 14.63 -20.13
CA PRO A 232 -1.09 14.25 -19.35
C PRO A 232 -0.90 13.34 -18.15
N LYS A 233 0.18 12.56 -18.14
CA LYS A 233 0.42 11.63 -17.04
C LYS A 233 1.28 12.18 -15.91
N TRP A 234 1.93 13.31 -16.14
CA TRP A 234 2.76 13.92 -15.09
C TRP A 234 1.90 14.36 -13.90
N MET A 235 2.47 14.16 -12.71
CA MET A 235 1.83 14.53 -11.44
C MET A 235 2.87 15.28 -10.61
N GLY A 236 2.60 16.55 -10.29
CA GLY A 236 3.53 17.36 -9.52
C GLY A 236 3.07 17.61 -8.10
N GLY A 237 3.82 17.07 -7.15
CA GLY A 237 3.48 17.24 -5.74
C GLY A 237 4.36 18.31 -5.12
N ALA A 238 3.74 19.19 -4.34
CA ALA A 238 4.47 20.29 -3.72
C ALA A 238 4.72 20.12 -2.24
N GLU A 239 5.81 20.72 -1.79
CA GLU A 239 6.17 20.74 -0.38
C GLU A 239 6.99 21.99 -0.16
N LEU A 240 6.95 22.53 1.04
CA LEU A 240 7.76 23.71 1.35
C LEU A 240 9.04 23.25 2.05
N SER A 241 10.15 23.93 1.78
CA SER A 241 11.40 23.64 2.48
C SER A 241 11.17 23.96 3.97
N ASP A 242 12.00 23.40 4.84
CA ASP A 242 11.86 23.60 6.30
C ASP A 242 11.89 25.08 6.74
N ASP A 243 12.58 25.92 5.99
CA ASP A 243 12.68 27.33 6.33
C ASP A 243 11.58 28.17 5.67
N GLY A 244 10.69 27.49 4.94
CA GLY A 244 9.58 28.16 4.27
C GLY A 244 9.91 29.01 3.05
N ARG A 245 11.18 29.04 2.66
CA ARG A 245 11.63 29.84 1.53
C ARG A 245 11.30 29.31 0.15
N TYR A 246 11.35 27.99 0.00
CA TYR A 246 11.13 27.39 -1.31
C TYR A 246 10.01 26.40 -1.40
N VAL A 247 9.32 26.40 -2.54
CA VAL A 247 8.32 25.39 -2.81
C VAL A 247 9.11 24.42 -3.69
N LEU A 248 9.12 23.14 -3.32
CA LEU A 248 9.80 22.11 -4.09
C LEU A 248 8.72 21.28 -4.79
N LEU A 249 8.87 21.12 -6.10
CA LEU A 249 7.88 20.37 -6.89
C LEU A 249 8.52 19.08 -7.36
N SER A 250 7.98 17.95 -6.91
CA SER A 250 8.47 16.63 -7.32
C SER A 250 7.50 16.11 -8.36
N ILE A 251 7.96 15.99 -9.60
CA ILE A 251 7.10 15.54 -10.68
C ILE A 251 7.34 14.07 -10.97
N ARG A 252 6.27 13.30 -10.99
CA ARG A 252 6.36 11.87 -11.26
C ARG A 252 5.53 11.51 -12.48
N GLU A 253 6.00 10.48 -13.18
CA GLU A 253 5.27 9.92 -14.31
C GLU A 253 5.47 8.42 -14.18
N GLY A 254 4.45 7.72 -13.70
CA GLY A 254 4.57 6.30 -13.50
C GLY A 254 4.90 5.99 -12.05
N CYS A 255 5.30 4.76 -11.80
CA CYS A 255 5.58 4.28 -10.45
C CYS A 255 7.02 4.01 -10.03
N ASP A 256 7.98 4.31 -10.90
CA ASP A 256 9.37 4.08 -10.54
C ASP A 256 9.80 5.12 -9.49
N PRO A 257 10.80 4.77 -8.64
CA PRO A 257 11.26 5.72 -7.63
C PRO A 257 12.19 6.75 -8.28
N VAL A 258 11.59 7.64 -9.07
CA VAL A 258 12.32 8.71 -9.74
C VAL A 258 11.39 9.90 -9.82
N ASN A 259 11.98 11.10 -9.93
CA ASN A 259 11.17 12.29 -10.02
C ASN A 259 11.97 13.48 -10.51
N ARG A 260 11.28 14.38 -11.21
CA ARG A 260 11.91 15.64 -11.61
C ARG A 260 11.83 16.46 -10.31
N LEU A 261 12.69 17.45 -10.18
CA LEU A 261 12.68 18.29 -8.99
C LEU A 261 12.87 19.75 -9.41
N TRP A 262 11.81 20.53 -9.29
CA TRP A 262 11.89 21.95 -9.64
C TRP A 262 11.70 22.72 -8.35
N TYR A 263 12.18 23.95 -8.29
CA TYR A 263 12.00 24.74 -7.09
C TYR A 263 11.62 26.17 -7.41
N CYS A 264 11.03 26.84 -6.42
CA CYS A 264 10.64 28.23 -6.56
C CYS A 264 10.91 28.97 -5.26
N ASP A 265 11.82 29.94 -5.29
CA ASP A 265 12.13 30.76 -4.11
C ASP A 265 10.95 31.72 -4.08
N LEU A 266 10.07 31.52 -3.11
CA LEU A 266 8.87 32.36 -3.00
C LEU A 266 9.16 33.85 -2.86
N GLN A 267 10.30 34.20 -2.29
CA GLN A 267 10.64 35.61 -2.14
C GLN A 267 10.96 36.26 -3.48
N GLN A 268 11.21 35.44 -4.50
CA GLN A 268 11.51 35.93 -5.84
C GLN A 268 10.25 36.11 -6.69
N GLU A 269 9.08 35.79 -6.13
CA GLU A 269 7.85 35.99 -6.88
C GLU A 269 7.64 37.50 -6.93
N SER A 270 7.11 37.99 -8.05
CA SER A 270 6.90 39.43 -8.21
C SER A 270 5.89 40.08 -7.27
N ASN A 271 4.84 39.36 -6.91
CA ASN A 271 3.80 39.87 -6.02
C ASN A 271 3.03 38.71 -5.36
N GLY A 272 3.76 37.84 -4.67
CA GLY A 272 3.15 36.70 -4.02
C GLY A 272 2.75 35.62 -5.02
N ILE A 273 1.92 34.67 -4.59
CA ILE A 273 1.46 33.59 -5.48
C ILE A 273 0.25 34.10 -6.27
N THR A 274 0.48 34.38 -7.55
CA THR A 274 -0.58 34.92 -8.38
C THR A 274 -0.85 34.16 -9.66
N GLY A 275 0.00 33.18 -9.96
CA GLY A 275 -0.18 32.39 -11.16
C GLY A 275 0.89 31.32 -11.25
N ILE A 276 1.24 30.91 -12.47
CA ILE A 276 2.27 29.89 -12.65
C ILE A 276 3.55 30.44 -12.03
N LEU A 277 4.13 29.72 -11.07
CA LEU A 277 5.33 30.19 -10.39
C LEU A 277 6.58 30.24 -11.27
N LYS A 278 7.61 30.95 -10.79
CA LYS A 278 8.88 31.05 -11.51
C LYS A 278 9.73 29.80 -11.20
N TRP A 279 9.27 28.65 -11.69
CA TRP A 279 10.00 27.40 -11.45
C TRP A 279 11.41 27.36 -12.03
N VAL A 280 12.35 26.88 -11.21
CA VAL A 280 13.74 26.71 -11.63
C VAL A 280 13.86 25.20 -11.75
N LYS A 281 14.15 24.73 -12.95
CA LYS A 281 14.21 23.30 -13.18
C LYS A 281 15.53 22.63 -12.83
N LEU A 282 15.77 22.49 -11.53
CA LEU A 282 16.99 21.88 -11.02
C LEU A 282 17.31 20.53 -11.63
N ILE A 283 16.38 19.57 -11.50
CA ILE A 283 16.55 18.22 -12.06
C ILE A 283 15.35 18.07 -13.00
N ASP A 284 15.60 18.15 -14.29
CA ASP A 284 14.54 18.10 -15.29
C ASP A 284 14.51 16.84 -16.14
N ASN A 285 14.50 15.70 -15.47
CA ASN A 285 14.42 14.41 -16.13
C ASN A 285 13.94 13.40 -15.08
N PHE A 286 13.71 12.16 -15.53
CA PHE A 286 13.20 11.08 -14.66
C PHE A 286 14.28 10.00 -14.41
N GLU A 287 15.54 10.41 -14.32
CA GLU A 287 16.60 9.43 -14.12
C GLU A 287 16.91 9.01 -12.68
N GLY A 288 16.42 9.73 -11.70
CA GLY A 288 16.71 9.36 -10.32
C GLY A 288 15.71 9.99 -9.37
N GLU A 289 15.66 9.47 -8.14
CA GLU A 289 14.76 10.02 -7.13
C GLU A 289 15.51 11.08 -6.32
N TYR A 290 14.82 12.16 -5.94
CA TYR A 290 15.41 13.23 -5.14
C TYR A 290 14.33 13.57 -4.13
N ASP A 291 14.51 13.01 -2.93
CA ASP A 291 13.58 13.14 -1.81
C ASP A 291 14.15 14.16 -0.82
N TYR A 292 13.46 15.29 -0.68
CA TYR A 292 13.94 16.36 0.18
C TYR A 292 14.05 15.95 1.65
N VAL A 293 15.18 16.23 2.27
CA VAL A 293 15.37 15.91 3.69
C VAL A 293 15.36 17.25 4.48
N THR A 294 16.22 18.16 4.08
CA THR A 294 16.28 19.48 4.72
C THR A 294 17.21 20.37 3.91
N ASN A 295 17.33 21.63 4.31
CA ASN A 295 18.27 22.54 3.64
C ASN A 295 18.85 23.53 4.66
N GLU A 296 19.99 24.09 4.31
CA GLU A 296 20.66 25.09 5.12
C GLU A 296 21.02 26.13 4.06
N GLY A 297 20.20 27.17 3.96
CA GLY A 297 20.44 28.16 2.93
C GLY A 297 20.19 27.49 1.59
N THR A 298 21.14 27.64 0.67
CA THR A 298 21.02 27.06 -0.66
C THR A 298 21.53 25.61 -0.75
N VAL A 299 22.02 25.06 0.36
CA VAL A 299 22.51 23.68 0.37
C VAL A 299 21.39 22.72 0.76
N PHE A 300 20.91 21.97 -0.23
CA PHE A 300 19.82 21.00 -0.03
C PHE A 300 20.26 19.54 0.10
N THR A 301 19.78 18.87 1.15
CA THR A 301 20.07 17.48 1.40
C THR A 301 18.90 16.65 0.86
N PHE A 302 19.21 15.71 -0.03
CA PHE A 302 18.23 14.83 -0.66
C PHE A 302 18.66 13.38 -0.48
N LYS A 303 17.66 12.52 -0.32
CA LYS A 303 17.89 11.08 -0.29
C LYS A 303 17.73 10.76 -1.78
N THR A 304 18.64 10.00 -2.35
CA THR A 304 18.59 9.72 -3.78
C THR A 304 19.00 8.28 -4.10
N ASN A 305 18.61 7.82 -5.28
CA ASN A 305 19.05 6.51 -5.74
C ASN A 305 19.84 6.69 -7.04
N ARG A 306 20.18 7.94 -7.37
CA ARG A 306 20.95 8.27 -8.57
C ARG A 306 22.29 7.55 -8.45
N HIS A 307 22.49 6.55 -9.30
CA HIS A 307 23.70 5.73 -9.31
C HIS A 307 24.00 5.10 -7.95
N SER A 308 22.93 4.84 -7.21
CA SER A 308 23.01 4.24 -5.87
C SER A 308 21.71 3.48 -5.62
N PRO A 309 21.62 2.25 -6.15
CA PRO A 309 20.40 1.48 -5.94
C PRO A 309 19.96 1.19 -4.52
N ASN A 310 20.90 1.31 -3.56
CA ASN A 310 20.56 1.09 -2.15
C ASN A 310 20.26 2.41 -1.44
N TYR A 311 20.32 3.51 -2.21
CA TYR A 311 20.05 4.87 -1.76
C TYR A 311 21.17 5.51 -0.93
N ARG A 312 21.26 6.83 -0.96
CA ARG A 312 22.30 7.55 -0.21
C ARG A 312 21.84 8.97 -0.02
N LEU A 313 22.60 9.74 0.74
CA LEU A 313 22.27 11.14 0.94
C LEU A 313 23.26 12.05 0.23
N ILE A 314 22.75 13.03 -0.50
CA ILE A 314 23.61 13.97 -1.22
C ILE A 314 23.19 15.39 -0.90
N ASN A 315 24.13 16.34 -1.02
CA ASN A 315 23.84 17.76 -0.83
C ASN A 315 24.04 18.43 -2.17
N ILE A 316 22.99 19.10 -2.65
CA ILE A 316 23.05 19.82 -3.91
C ILE A 316 22.92 21.30 -3.53
N ASP A 317 23.87 22.11 -3.94
CA ASP A 317 23.86 23.55 -3.67
C ASP A 317 23.18 24.21 -4.87
N PHE A 318 22.07 24.91 -4.66
CA PHE A 318 21.36 25.56 -5.75
C PHE A 318 22.25 26.58 -6.47
N THR A 319 23.27 27.10 -5.78
CA THR A 319 24.19 28.07 -6.38
C THR A 319 25.33 27.44 -7.19
N ASP A 320 25.47 26.12 -7.15
CA ASP A 320 26.50 25.40 -7.89
C ASP A 320 25.85 24.03 -8.09
N PRO A 321 24.76 23.99 -8.87
CA PRO A 321 23.96 22.80 -9.18
C PRO A 321 24.43 21.61 -10.01
N GLU A 322 25.49 21.76 -10.80
CA GLU A 322 25.95 20.65 -11.65
C GLU A 322 26.25 19.40 -10.83
N GLU A 323 25.92 18.24 -11.37
CA GLU A 323 26.12 16.96 -10.71
C GLU A 323 27.54 16.69 -10.20
N SER A 324 28.53 17.13 -10.97
CA SER A 324 29.93 16.94 -10.60
C SER A 324 30.27 17.66 -9.29
N LYS A 325 29.45 18.64 -8.92
CA LYS A 325 29.69 19.40 -7.70
C LYS A 325 28.97 18.88 -6.47
N TRP A 326 28.00 17.99 -6.64
CA TRP A 326 27.26 17.48 -5.49
C TRP A 326 28.17 16.80 -4.46
N LYS A 327 27.81 16.94 -3.19
CA LYS A 327 28.60 16.30 -2.14
C LYS A 327 27.84 15.08 -1.65
N VAL A 328 28.55 13.99 -1.39
CA VAL A 328 27.93 12.77 -0.89
C VAL A 328 28.07 12.83 0.61
N LEU A 329 26.98 13.17 1.28
CA LEU A 329 26.94 13.30 2.74
C LEU A 329 26.98 11.95 3.48
N VAL A 330 26.12 11.02 3.08
CA VAL A 330 26.07 9.66 3.66
C VAL A 330 26.12 8.69 2.48
N PRO A 331 27.30 8.12 2.20
CA PRO A 331 27.45 7.18 1.09
C PRO A 331 26.52 5.98 1.13
N GLU A 332 26.29 5.42 -0.05
CA GLU A 332 25.45 4.25 -0.23
C GLU A 332 26.09 3.05 0.48
N HIS A 333 25.26 2.22 1.10
CA HIS A 333 25.78 1.03 1.76
C HIS A 333 25.82 -0.09 0.70
N GLU A 334 26.71 -1.04 0.85
CA GLU A 334 26.88 -2.13 -0.15
C GLU A 334 25.63 -3.03 -0.22
N LYS A 335 24.85 -3.14 0.82
CA LYS A 335 23.69 -4.03 0.77
C LYS A 335 22.44 -3.49 1.44
N ASP A 336 22.61 -2.75 2.54
CA ASP A 336 21.46 -2.20 3.26
C ASP A 336 20.82 -1.02 2.60
N VAL A 337 19.51 -1.08 2.49
CA VAL A 337 18.75 -0.01 1.86
C VAL A 337 18.43 1.11 2.83
N LEU A 338 18.73 2.35 2.41
CA LEU A 338 18.40 3.54 3.21
C LEU A 338 16.93 3.78 2.87
N GLU A 339 16.03 3.36 3.75
CA GLU A 339 14.59 3.51 3.51
C GLU A 339 14.05 4.92 3.54
N TRP A 340 14.41 5.66 4.58
CA TRP A 340 13.93 7.03 4.70
C TRP A 340 14.82 7.78 5.66
N VAL A 341 14.76 9.10 5.59
CA VAL A 341 15.57 10.00 6.42
C VAL A 341 14.75 11.24 6.80
N ALA A 342 14.92 11.69 8.04
CA ALA A 342 14.22 12.87 8.53
C ALA A 342 15.24 13.77 9.21
N CYS A 343 14.96 15.06 9.24
CA CYS A 343 15.86 16.00 9.92
C CYS A 343 15.14 16.49 11.16
N VAL A 344 15.82 16.47 12.29
CA VAL A 344 15.21 16.92 13.54
C VAL A 344 16.23 17.67 14.40
N ARG A 345 15.72 18.53 15.28
CA ARG A 345 16.53 19.34 16.18
C ARG A 345 17.63 20.08 15.44
N SER A 346 17.23 20.67 14.31
CA SER A 346 18.10 21.46 13.45
C SER A 346 19.19 20.69 12.71
N ASN A 347 20.13 20.11 13.45
CA ASN A 347 21.26 19.45 12.83
C ASN A 347 21.43 17.95 13.04
N PHE A 348 20.34 17.26 13.31
CA PHE A 348 20.36 15.80 13.47
C PHE A 348 19.61 15.20 12.30
N LEU A 349 20.03 13.99 11.90
CA LEU A 349 19.35 13.26 10.82
C LEU A 349 19.02 11.90 11.38
N VAL A 350 17.78 11.45 11.16
CA VAL A 350 17.34 10.13 11.61
C VAL A 350 17.32 9.30 10.33
N LEU A 351 18.14 8.25 10.29
CA LEU A 351 18.22 7.36 9.14
C LEU A 351 17.66 6.00 9.51
N CYS A 352 16.78 5.48 8.65
CA CYS A 352 16.19 4.17 8.86
C CYS A 352 16.63 3.24 7.73
N TYR A 353 17.37 2.19 8.09
CA TYR A 353 17.86 1.21 7.13
C TYR A 353 17.09 -0.11 7.18
N LEU A 354 17.14 -0.83 6.08
CA LEU A 354 16.53 -2.15 6.00
C LEU A 354 17.71 -3.10 5.77
N HIS A 355 17.96 -3.96 6.77
CA HIS A 355 19.03 -4.95 6.77
C HIS A 355 18.39 -6.33 6.77
N ASP A 356 18.53 -7.06 5.67
CA ASP A 356 17.90 -8.38 5.54
C ASP A 356 16.42 -8.35 5.97
N VAL A 357 15.72 -7.34 5.49
CA VAL A 357 14.27 -7.15 5.72
C VAL A 357 13.86 -6.86 7.16
N LYS A 358 14.78 -6.25 7.91
CA LYS A 358 14.54 -5.84 9.29
C LYS A 358 15.02 -4.40 9.42
N ASN A 359 14.32 -3.59 10.20
CA ASN A 359 14.70 -2.20 10.34
C ASN A 359 15.70 -1.88 11.44
N THR A 360 16.50 -0.84 11.17
CA THR A 360 17.46 -0.31 12.11
C THR A 360 17.23 1.21 12.09
N LEU A 361 17.48 1.89 13.21
CA LEU A 361 17.28 3.34 13.30
C LEU A 361 18.55 3.95 13.87
N GLN A 362 19.06 4.97 13.18
CA GLN A 362 20.30 5.64 13.58
C GLN A 362 20.17 7.16 13.55
N LEU A 363 20.99 7.82 14.36
CA LEU A 363 21.04 9.28 14.43
C LEU A 363 22.41 9.69 13.89
N HIS A 364 22.42 10.66 12.97
CA HIS A 364 23.64 11.16 12.33
C HIS A 364 23.75 12.68 12.43
N ASP A 365 24.97 13.17 12.25
CA ASP A 365 25.23 14.61 12.29
C ASP A 365 24.91 15.17 10.90
N LEU A 366 24.16 16.26 10.82
CA LEU A 366 23.83 16.80 9.52
C LEU A 366 25.01 17.36 8.74
N ALA A 367 25.94 18.01 9.44
CA ALA A 367 27.07 18.62 8.74
C ALA A 367 28.07 17.66 8.12
N THR A 368 28.30 16.53 8.78
CA THR A 368 29.28 15.56 8.30
C THR A 368 28.68 14.25 7.85
N GLY A 369 27.48 13.94 8.33
CA GLY A 369 26.87 12.66 7.99
C GLY A 369 27.36 11.54 8.89
N ALA A 370 28.19 11.85 9.88
CA ALA A 370 28.72 10.83 10.79
C ALA A 370 27.68 10.22 11.71
N LEU A 371 27.81 8.93 11.97
CA LEU A 371 26.92 8.20 12.86
C LEU A 371 27.18 8.72 14.28
N LEU A 372 26.10 9.02 14.98
CA LEU A 372 26.17 9.51 16.36
C LEU A 372 25.58 8.53 17.37
N LYS A 373 24.47 7.89 17.00
CA LYS A 373 23.81 6.99 17.92
C LYS A 373 22.94 5.94 17.23
N ILE A 374 22.94 4.73 17.77
CA ILE A 374 22.11 3.63 17.27
C ILE A 374 20.95 3.47 18.25
N PHE A 375 19.72 3.52 17.75
CA PHE A 375 18.54 3.32 18.60
C PHE A 375 18.24 1.83 18.50
N PRO A 376 18.49 1.08 19.58
CA PRO A 376 18.25 -0.37 19.58
C PRO A 376 16.80 -0.80 19.36
N LEU A 377 16.63 -1.83 18.54
CA LEU A 377 15.32 -2.37 18.22
C LEU A 377 15.39 -3.88 18.12
N GLU A 378 14.28 -4.54 18.41
CA GLU A 378 14.21 -6.00 18.26
C GLU A 378 13.96 -6.21 16.76
N VAL A 379 13.86 -7.48 16.34
CA VAL A 379 13.65 -7.77 14.94
C VAL A 379 12.22 -7.41 14.51
N GLY A 380 12.12 -6.44 13.58
CA GLY A 380 10.81 -5.99 13.14
C GLY A 380 10.86 -4.79 12.22
N SER A 381 9.83 -3.94 12.30
CA SER A 381 9.74 -2.77 11.45
C SER A 381 9.42 -1.49 12.20
N VAL A 382 9.89 -0.39 11.64
CA VAL A 382 9.58 0.92 12.20
C VAL A 382 8.41 1.34 11.29
N VAL A 383 7.26 1.58 11.90
CA VAL A 383 6.08 1.94 11.12
C VAL A 383 5.55 3.33 11.41
N GLY A 384 6.21 4.04 12.31
CA GLY A 384 5.80 5.40 12.63
C GLY A 384 7.00 6.19 13.10
N TYR A 385 6.99 7.48 12.81
CA TYR A 385 8.06 8.39 13.22
C TYR A 385 7.55 9.81 13.20
N SER A 386 8.01 10.59 14.18
CA SER A 386 7.67 12.01 14.24
C SER A 386 8.90 12.74 14.73
N GLY A 387 9.11 13.95 14.21
CA GLY A 387 10.25 14.77 14.58
C GLY A 387 10.71 15.58 13.39
N GLN A 388 10.29 16.84 13.32
CA GLN A 388 10.69 17.71 12.21
C GLN A 388 11.86 18.61 12.62
N LYS A 389 12.36 19.41 11.68
CA LYS A 389 13.52 20.27 11.96
C LYS A 389 13.46 21.11 13.23
N LYS A 390 12.33 21.73 13.49
CA LYS A 390 12.22 22.57 14.69
C LYS A 390 11.96 21.80 15.98
N ASP A 391 11.61 20.52 15.87
CA ASP A 391 11.36 19.71 17.07
C ASP A 391 12.64 19.33 17.81
N THR A 392 12.51 19.08 19.11
CA THR A 392 13.64 18.69 19.94
C THR A 392 13.52 17.29 20.52
N GLU A 393 12.63 16.49 19.94
CA GLU A 393 12.39 15.14 20.42
C GLU A 393 11.82 14.32 19.27
N ILE A 394 11.94 13.01 19.37
CA ILE A 394 11.41 12.12 18.36
C ILE A 394 10.55 11.04 19.01
N PHE A 395 9.59 10.56 18.23
CA PHE A 395 8.73 9.45 18.62
C PHE A 395 8.85 8.49 17.43
N TYR A 396 8.88 7.19 17.70
CA TYR A 396 8.95 6.20 16.63
C TYR A 396 8.23 4.95 17.09
N GLN A 397 7.62 4.24 16.16
CA GLN A 397 6.83 3.07 16.49
C GLN A 397 7.38 1.82 15.83
N PHE A 398 7.50 0.77 16.62
CA PHE A 398 8.03 -0.51 16.20
C PHE A 398 6.97 -1.58 16.28
N THR A 399 6.95 -2.47 15.29
CA THR A 399 5.99 -3.57 15.29
C THR A 399 6.71 -4.82 14.77
N SER A 400 6.14 -5.99 15.01
CA SER A 400 6.73 -7.25 14.54
C SER A 400 5.62 -8.28 14.37
N PHE A 401 5.97 -9.49 13.95
CA PHE A 401 4.98 -10.53 13.75
C PHE A 401 4.26 -10.95 15.03
N LEU A 402 4.94 -10.91 16.16
CA LEU A 402 4.35 -11.37 17.42
C LEU A 402 3.94 -10.33 18.45
N SER A 403 4.33 -9.07 18.24
CA SER A 403 3.97 -8.02 19.19
C SER A 403 3.27 -6.86 18.50
N PRO A 404 2.19 -6.33 19.12
CA PRO A 404 1.44 -5.22 18.54
C PRO A 404 2.38 -4.08 18.23
N GLY A 405 3.26 -3.80 19.19
CA GLY A 405 4.21 -2.75 18.99
C GLY A 405 4.60 -1.94 20.21
N ILE A 406 5.57 -1.08 20.01
CA ILE A 406 6.07 -0.22 21.06
C ILE A 406 6.34 1.15 20.48
N ILE A 407 5.89 2.18 21.20
CA ILE A 407 6.13 3.54 20.78
C ILE A 407 7.20 4.04 21.72
N TYR A 408 8.29 4.52 21.14
CA TYR A 408 9.40 5.06 21.90
C TYR A 408 9.43 6.58 21.81
N HIS A 409 10.08 7.18 22.80
CA HIS A 409 10.24 8.63 22.83
C HIS A 409 11.68 8.95 23.18
N CYS A 410 12.22 10.02 22.61
CA CYS A 410 13.59 10.41 22.91
C CYS A 410 13.75 11.92 22.86
N ASP A 411 14.17 12.48 23.99
CA ASP A 411 14.40 13.91 24.16
C ASP A 411 15.78 14.17 23.60
N LEU A 412 15.84 14.87 22.48
CA LEU A 412 17.12 15.13 21.83
C LEU A 412 17.90 16.32 22.39
N THR A 413 17.40 16.93 23.46
CA THR A 413 18.11 18.05 24.06
C THR A 413 19.08 17.51 25.11
N LYS A 414 18.97 16.22 25.41
CA LYS A 414 19.82 15.59 26.41
C LYS A 414 21.19 15.18 25.86
N GLU A 415 22.20 15.47 26.64
CA GLU A 415 23.57 15.16 26.25
C GLU A 415 23.70 13.71 25.83
N GLU A 416 23.38 12.84 26.73
CA GLU A 416 23.42 11.39 26.51
C GLU A 416 22.01 10.97 26.14
N LEU A 417 21.83 10.73 24.85
CA LEU A 417 20.54 10.32 24.33
C LEU A 417 20.23 8.90 24.72
N GLU A 418 18.97 8.66 25.06
CA GLU A 418 18.51 7.34 25.42
C GLU A 418 17.01 7.31 25.27
N PRO A 419 16.52 6.52 24.30
CA PRO A 419 15.09 6.42 24.06
C PRO A 419 14.42 5.71 25.24
N ARG A 420 13.13 5.95 25.41
CA ARG A 420 12.37 5.34 26.48
C ARG A 420 11.05 4.86 25.92
N VAL A 421 10.51 3.81 26.52
CA VAL A 421 9.23 3.26 26.10
C VAL A 421 8.18 4.26 26.54
N PHE A 422 7.41 4.75 25.57
CA PHE A 422 6.36 5.73 25.79
C PHE A 422 4.98 5.07 25.88
N ARG A 423 4.75 4.07 25.03
CA ARG A 423 3.48 3.36 25.01
C ARG A 423 3.70 1.93 24.53
N GLU A 424 3.07 0.98 25.20
CA GLU A 424 3.19 -0.42 24.84
C GLU A 424 1.91 -1.15 25.25
N VAL A 425 1.37 -1.93 24.34
CA VAL A 425 0.15 -2.69 24.61
C VAL A 425 0.36 -4.12 24.14
N THR A 426 -0.03 -5.09 24.97
CA THR A 426 0.10 -6.49 24.61
C THR A 426 -1.30 -7.09 24.46
N VAL A 427 -1.43 -8.07 23.57
CA VAL A 427 -2.72 -8.71 23.35
C VAL A 427 -2.88 -9.97 24.19
N LYS A 428 -3.80 -9.91 25.16
CA LYS A 428 -4.05 -11.05 26.02
C LYS A 428 -4.78 -12.11 25.20
N GLY A 429 -4.21 -13.31 25.15
CA GLY A 429 -4.81 -14.37 24.38
C GLY A 429 -3.78 -14.90 23.39
N ILE A 430 -2.83 -14.04 23.03
CA ILE A 430 -1.78 -14.42 22.10
C ILE A 430 -0.41 -14.30 22.78
N ASP A 431 -0.02 -15.36 23.48
CA ASP A 431 1.26 -15.38 24.16
C ASP A 431 2.37 -15.54 23.10
N ALA A 432 3.01 -14.43 22.74
CA ALA A 432 4.08 -14.41 21.78
C ALA A 432 5.15 -15.46 22.05
N SER A 433 5.35 -15.78 23.28
CA SER A 433 6.40 -16.78 23.69
C SER A 433 6.09 -18.22 23.25
N ASP A 434 4.88 -18.47 22.77
CA ASP A 434 4.49 -19.82 22.29
C ASP A 434 4.84 -19.97 20.81
N TYR A 435 5.28 -18.87 20.19
CA TYR A 435 5.62 -18.88 18.77
C TYR A 435 7.01 -18.36 18.50
N GLN A 436 7.49 -18.58 17.28
CA GLN A 436 8.80 -18.10 16.89
C GLN A 436 8.77 -17.69 15.43
N THR A 437 9.64 -16.75 15.11
CA THR A 437 9.77 -16.23 13.76
C THR A 437 11.18 -16.56 13.28
N VAL A 438 11.29 -17.23 12.16
CA VAL A 438 12.58 -17.54 11.59
C VAL A 438 12.69 -16.93 10.19
N GLN A 439 13.92 -16.67 9.80
CA GLN A 439 14.19 -16.12 8.48
C GLN A 439 15.14 -17.06 7.75
N ILE A 440 14.72 -17.52 6.58
CA ILE A 440 15.58 -18.40 5.79
C ILE A 440 15.76 -17.76 4.42
N PHE A 441 16.69 -18.31 3.66
CA PHE A 441 16.94 -17.82 2.31
C PHE A 441 16.92 -19.05 1.42
N TYR A 442 16.00 -19.06 0.44
CA TYR A 442 15.87 -20.20 -0.45
C TYR A 442 16.26 -19.84 -1.89
N PRO A 443 16.86 -20.79 -2.62
CA PRO A 443 17.22 -20.44 -3.99
C PRO A 443 16.05 -20.53 -4.95
N SER A 444 15.91 -19.53 -5.82
CA SER A 444 14.85 -19.54 -6.80
C SER A 444 15.35 -20.36 -8.00
N LYS A 445 14.57 -20.39 -9.08
CA LYS A 445 14.92 -21.14 -10.29
C LYS A 445 16.28 -20.77 -10.87
N ASP A 446 16.61 -19.49 -10.89
CA ASP A 446 17.89 -19.05 -11.44
C ASP A 446 19.03 -19.05 -10.41
N GLY A 447 18.74 -19.57 -9.23
CA GLY A 447 19.74 -19.62 -8.17
C GLY A 447 19.78 -18.44 -7.20
N THR A 448 19.04 -17.38 -7.48
CA THR A 448 19.02 -16.21 -6.60
C THR A 448 18.42 -16.60 -5.25
N LYS A 449 19.09 -16.20 -4.16
CA LYS A 449 18.59 -16.48 -2.81
C LYS A 449 17.52 -15.44 -2.44
N ILE A 450 16.35 -15.93 -2.05
CA ILE A 450 15.20 -15.10 -1.69
C ILE A 450 14.90 -15.25 -0.19
N PRO A 451 14.71 -14.12 0.52
CA PRO A 451 14.40 -14.20 1.96
C PRO A 451 12.95 -14.61 2.17
N MET A 452 12.69 -15.32 3.26
CA MET A 452 11.33 -15.71 3.62
C MET A 452 11.22 -15.84 5.14
N PHE A 453 10.23 -15.15 5.71
CA PHE A 453 9.93 -15.22 7.13
C PHE A 453 8.90 -16.33 7.31
N ILE A 454 9.07 -17.14 8.35
CA ILE A 454 8.13 -18.22 8.66
C ILE A 454 7.82 -18.08 10.15
N VAL A 455 6.53 -18.00 10.46
CA VAL A 455 6.08 -17.85 11.85
C VAL A 455 5.25 -19.09 12.21
N HIS A 456 5.56 -19.71 13.34
CA HIS A 456 4.81 -20.90 13.72
C HIS A 456 4.94 -21.21 15.20
N LYS A 457 4.08 -22.11 15.67
CA LYS A 457 4.11 -22.52 17.07
C LYS A 457 5.43 -23.25 17.33
N LYS A 458 6.04 -22.98 18.48
CA LYS A 458 7.30 -23.64 18.81
C LYS A 458 7.13 -25.16 18.96
N GLY A 459 8.13 -25.90 18.53
CA GLY A 459 8.11 -27.35 18.66
C GLY A 459 7.32 -28.20 17.68
N ILE A 460 6.71 -27.60 16.66
CA ILE A 460 5.96 -28.40 15.69
C ILE A 460 6.89 -29.33 14.93
N LYS A 461 6.37 -30.48 14.52
CA LYS A 461 7.16 -31.44 13.77
C LYS A 461 7.05 -31.08 12.30
N LEU A 462 8.16 -31.09 11.60
CA LEU A 462 8.15 -30.76 10.17
C LEU A 462 7.82 -32.01 9.35
N ASP A 463 6.60 -32.49 9.55
CA ASP A 463 6.10 -33.68 8.88
C ASP A 463 5.13 -33.38 7.73
N GLY A 464 5.06 -32.12 7.33
CA GLY A 464 4.20 -31.71 6.23
C GLY A 464 2.69 -31.72 6.49
N SER A 465 2.30 -31.93 7.74
CA SER A 465 0.89 -32.01 8.10
C SER A 465 0.18 -30.68 8.43
N HIS A 466 0.91 -29.58 8.40
CA HIS A 466 0.31 -28.30 8.78
C HIS A 466 -0.24 -27.42 7.67
N PRO A 467 -1.38 -26.78 7.92
CA PRO A 467 -1.91 -25.92 6.87
C PRO A 467 -1.01 -24.69 6.88
N ALA A 468 -0.78 -24.08 5.73
CA ALA A 468 0.09 -22.91 5.69
C ALA A 468 -0.53 -21.78 4.91
N PHE A 469 -0.13 -20.56 5.26
CA PHE A 469 -0.63 -19.35 4.61
C PHE A 469 0.60 -18.57 4.16
N LEU A 470 0.85 -18.60 2.86
CA LEU A 470 2.00 -17.97 2.24
C LEU A 470 1.58 -16.67 1.54
N TYR A 471 2.18 -15.58 1.97
CA TYR A 471 1.89 -14.25 1.44
C TYR A 471 3.03 -13.65 0.61
N GLY A 472 2.66 -12.96 -0.47
CA GLY A 472 3.65 -12.29 -1.30
C GLY A 472 3.05 -11.07 -2.01
N TYR A 473 3.91 -10.19 -2.49
CA TYR A 473 3.49 -9.00 -3.25
C TYR A 473 4.39 -9.01 -4.50
N GLY A 474 5.63 -8.56 -4.36
CA GLY A 474 6.57 -8.58 -5.48
C GLY A 474 6.46 -7.53 -6.55
N GLY A 475 6.73 -6.29 -6.18
CA GLY A 475 6.66 -5.23 -7.15
C GLY A 475 6.67 -3.84 -6.55
N PHE A 476 6.78 -2.86 -7.44
CA PHE A 476 6.73 -1.46 -7.09
C PHE A 476 7.68 -0.96 -6.00
N ASN A 477 8.82 -1.64 -5.86
CA ASN A 477 9.83 -1.28 -4.87
C ASN A 477 9.29 -1.34 -3.44
N ILE A 478 8.19 -2.07 -3.23
CA ILE A 478 7.62 -2.21 -1.88
C ILE A 478 8.28 -3.36 -1.13
N SER A 479 8.79 -3.07 0.06
CA SER A 479 9.40 -4.09 0.89
C SER A 479 8.35 -4.63 1.87
N ILE A 480 8.23 -5.96 1.94
CA ILE A 480 7.26 -6.58 2.82
C ILE A 480 7.98 -6.96 4.11
N THR A 481 7.90 -6.07 5.09
CA THR A 481 8.56 -6.24 6.38
C THR A 481 7.61 -6.72 7.48
N PRO A 482 8.17 -7.23 8.60
CA PRO A 482 7.35 -7.74 9.71
C PRO A 482 6.29 -6.78 10.21
N ASN A 483 5.10 -7.31 10.44
CA ASN A 483 4.01 -6.50 10.94
C ASN A 483 3.07 -7.39 11.75
N TYR A 484 2.40 -6.78 12.71
CA TYR A 484 1.48 -7.49 13.59
C TYR A 484 0.10 -7.68 12.98
N SER A 485 -0.35 -8.92 12.94
CA SER A 485 -1.66 -9.25 12.40
C SER A 485 -2.34 -10.28 13.28
N VAL A 486 -3.39 -9.87 13.97
CA VAL A 486 -4.15 -10.74 14.83
C VAL A 486 -4.86 -11.80 13.99
N SER A 487 -5.33 -11.41 12.81
CA SER A 487 -6.03 -12.35 11.95
C SER A 487 -5.15 -13.55 11.58
N ARG A 488 -3.89 -13.27 11.26
CA ARG A 488 -2.98 -14.35 10.90
C ARG A 488 -2.60 -15.19 12.13
N LEU A 489 -2.50 -14.54 13.28
CA LEU A 489 -2.16 -15.29 14.49
C LEU A 489 -3.30 -16.21 14.92
N ILE A 490 -4.53 -15.86 14.57
CA ILE A 490 -5.68 -16.71 14.90
C ILE A 490 -5.58 -17.96 14.01
N PHE A 491 -5.10 -17.79 12.77
CA PHE A 491 -4.91 -18.93 11.88
C PHE A 491 -3.89 -19.88 12.51
N VAL A 492 -2.80 -19.32 13.04
CA VAL A 492 -1.75 -20.11 13.70
C VAL A 492 -2.27 -20.84 14.93
N ARG A 493 -2.82 -20.09 15.87
CA ARG A 493 -3.31 -20.63 17.13
C ARG A 493 -4.57 -21.49 17.05
N HIS A 494 -5.59 -20.97 16.38
CA HIS A 494 -6.86 -21.67 16.30
C HIS A 494 -7.10 -22.55 15.08
N MET A 495 -6.18 -22.53 14.13
CA MET A 495 -6.33 -23.40 12.97
C MET A 495 -5.05 -24.22 12.76
N GLY A 496 -4.13 -24.12 13.72
CA GLY A 496 -2.88 -24.85 13.66
C GLY A 496 -2.00 -24.57 12.45
N GLY A 497 -2.08 -23.34 11.94
CA GLY A 497 -1.32 -23.00 10.75
C GLY A 497 0.09 -22.44 10.88
N VAL A 498 0.77 -22.42 9.74
CA VAL A 498 2.13 -21.87 9.64
C VAL A 498 1.99 -20.65 8.72
N LEU A 499 2.54 -19.51 9.12
CA LEU A 499 2.50 -18.29 8.30
C LEU A 499 3.84 -18.13 7.61
N ALA A 500 3.83 -17.62 6.38
CA ALA A 500 5.07 -17.40 5.64
C ALA A 500 4.92 -16.18 4.75
N VAL A 501 5.99 -15.40 4.64
CA VAL A 501 5.99 -14.19 3.82
C VAL A 501 7.27 -14.30 3.02
N ALA A 502 7.15 -14.34 1.69
CA ALA A 502 8.32 -14.47 0.82
C ALA A 502 8.67 -13.12 0.20
N ASN A 503 9.91 -12.70 0.40
CA ASN A 503 10.39 -11.40 -0.09
C ASN A 503 10.93 -11.51 -1.52
N ILE A 504 10.01 -11.83 -2.41
CA ILE A 504 10.33 -12.05 -3.81
C ILE A 504 10.77 -10.79 -4.57
N ARG A 505 11.40 -11.00 -5.71
CA ARG A 505 11.87 -9.88 -6.51
C ARG A 505 10.72 -8.99 -6.97
N GLY A 506 11.07 -7.76 -7.34
CA GLY A 506 10.07 -6.76 -7.70
C GLY A 506 9.91 -5.80 -6.52
N GLY A 507 10.18 -6.33 -5.34
CA GLY A 507 10.10 -5.54 -4.12
C GLY A 507 11.31 -4.64 -3.93
N GLY A 508 11.39 -3.98 -2.79
CA GLY A 508 12.51 -3.09 -2.52
C GLY A 508 13.47 -3.60 -1.46
N GLU A 509 13.32 -4.85 -1.07
CA GLU A 509 14.13 -5.43 -0.01
C GLU A 509 15.63 -5.29 -0.20
N TYR A 510 16.11 -5.39 -1.45
CA TYR A 510 17.53 -5.21 -1.75
C TYR A 510 17.74 -4.09 -2.78
N GLY A 511 17.00 -2.99 -2.57
CA GLY A 511 17.15 -1.84 -3.43
C GLY A 511 16.57 -1.93 -4.83
N GLU A 512 16.95 -0.96 -5.65
CA GLU A 512 16.44 -0.87 -7.01
C GLU A 512 16.82 -2.09 -7.86
N THR A 513 17.94 -2.72 -7.55
CA THR A 513 18.30 -3.91 -8.33
C THR A 513 17.27 -5.03 -8.05
N TRP A 514 16.75 -5.08 -6.82
CA TRP A 514 15.77 -6.08 -6.45
C TRP A 514 14.47 -5.76 -7.19
N HIS A 515 14.14 -4.47 -7.21
CA HIS A 515 12.95 -4.00 -7.89
C HIS A 515 13.01 -4.37 -9.37
N LYS A 516 14.10 -4.01 -10.03
CA LYS A 516 14.25 -4.29 -11.46
C LYS A 516 14.26 -5.79 -11.80
N GLY A 517 14.61 -6.62 -10.83
CA GLY A 517 14.63 -8.05 -11.05
C GLY A 517 13.23 -8.66 -11.11
N GLY A 518 12.20 -7.84 -10.89
CA GLY A 518 10.84 -8.33 -10.92
C GLY A 518 9.88 -7.45 -11.71
N ILE A 519 10.38 -6.83 -12.77
CA ILE A 519 9.54 -5.97 -13.58
C ILE A 519 9.81 -6.17 -15.06
N LEU A 520 8.90 -5.65 -15.87
CA LEU A 520 9.01 -5.67 -17.32
C LEU A 520 9.30 -7.07 -17.87
N ALA A 521 10.36 -7.22 -18.67
CA ALA A 521 10.67 -8.53 -19.22
C ALA A 521 10.93 -9.58 -18.16
N ASN A 522 11.27 -9.15 -16.95
CA ASN A 522 11.60 -10.09 -15.88
C ASN A 522 10.49 -10.30 -14.86
N LYS A 523 9.27 -9.88 -15.17
CA LYS A 523 8.18 -10.08 -14.21
C LYS A 523 8.01 -11.55 -13.85
N GLN A 524 8.35 -12.47 -14.77
CA GLN A 524 8.19 -13.89 -14.47
C GLN A 524 9.04 -14.33 -13.27
N ASN A 525 10.09 -13.58 -12.96
CA ASN A 525 10.93 -13.91 -11.80
C ASN A 525 10.10 -13.88 -10.51
N CYS A 526 9.12 -12.99 -10.44
CA CYS A 526 8.29 -12.89 -9.24
C CYS A 526 7.52 -14.18 -9.05
N PHE A 527 6.87 -14.63 -10.14
CA PHE A 527 6.08 -15.86 -10.10
C PHE A 527 6.95 -17.08 -9.80
N ASP A 528 8.15 -17.12 -10.39
CA ASP A 528 9.07 -18.21 -10.14
C ASP A 528 9.52 -18.19 -8.67
N ASP A 529 9.89 -17.00 -8.18
CA ASP A 529 10.31 -16.85 -6.78
C ASP A 529 9.23 -17.37 -5.82
N PHE A 530 7.98 -16.95 -6.07
CA PHE A 530 6.88 -17.35 -5.21
C PHE A 530 6.60 -18.85 -5.23
N GLN A 531 6.59 -19.42 -6.43
CA GLN A 531 6.37 -20.85 -6.59
C GLN A 531 7.48 -21.61 -5.86
N CYS A 532 8.70 -21.07 -5.94
CA CYS A 532 9.84 -21.69 -5.26
C CYS A 532 9.69 -21.59 -3.74
N ALA A 533 9.02 -20.55 -3.26
CA ALA A 533 8.80 -20.40 -1.82
C ALA A 533 7.88 -21.53 -1.37
N ALA A 534 6.86 -21.80 -2.18
CA ALA A 534 5.91 -22.85 -1.89
C ALA A 534 6.63 -24.19 -1.87
N GLU A 535 7.45 -24.43 -2.90
CA GLU A 535 8.20 -25.69 -2.97
C GLU A 535 9.09 -25.88 -1.74
N TYR A 536 9.67 -24.79 -1.24
CA TYR A 536 10.53 -24.86 -0.06
C TYR A 536 9.73 -25.31 1.16
N LEU A 537 8.59 -24.65 1.39
CA LEU A 537 7.75 -24.99 2.55
C LEU A 537 7.33 -26.45 2.51
N ILE A 538 7.08 -26.95 1.30
CA ILE A 538 6.67 -28.33 1.11
C ILE A 538 7.84 -29.28 1.33
N LYS A 539 8.97 -29.03 0.67
CA LYS A 539 10.15 -29.91 0.79
C LYS A 539 10.69 -29.96 2.22
N GLU A 540 10.64 -28.84 2.92
CA GLU A 540 11.14 -28.76 4.29
C GLU A 540 10.16 -29.29 5.34
N GLY A 541 8.98 -29.70 4.90
CA GLY A 541 8.01 -30.27 5.83
C GLY A 541 7.10 -29.36 6.61
N TYR A 542 7.00 -28.08 6.22
CA TYR A 542 6.11 -27.18 6.94
C TYR A 542 4.66 -27.44 6.55
N THR A 543 4.45 -27.87 5.30
CA THR A 543 3.11 -28.09 4.80
C THR A 543 3.15 -29.05 3.60
N SER A 544 2.01 -29.19 2.94
CA SER A 544 1.85 -30.04 1.76
C SER A 544 0.96 -29.26 0.80
N PRO A 545 1.04 -29.54 -0.52
CA PRO A 545 0.24 -28.81 -1.51
C PRO A 545 -1.24 -28.64 -1.20
N LYS A 546 -1.92 -29.72 -0.80
CA LYS A 546 -3.35 -29.65 -0.51
C LYS A 546 -3.69 -28.84 0.75
N ARG A 547 -2.69 -28.56 1.57
CA ARG A 547 -2.89 -27.79 2.80
C ARG A 547 -2.33 -26.38 2.69
N LEU A 548 -1.83 -26.03 1.51
CA LEU A 548 -1.23 -24.70 1.31
C LEU A 548 -2.16 -23.68 0.68
N THR A 549 -2.21 -22.49 1.31
CA THR A 549 -3.00 -21.37 0.82
C THR A 549 -2.04 -20.23 0.51
N ILE A 550 -2.24 -19.60 -0.65
CA ILE A 550 -1.43 -18.44 -1.00
C ILE A 550 -2.37 -17.25 -1.06
N ASN A 551 -1.82 -16.08 -0.71
CA ASN A 551 -2.59 -14.86 -0.66
C ASN A 551 -1.76 -13.65 -1.06
N GLY A 552 -2.44 -12.71 -1.70
CA GLY A 552 -1.80 -11.48 -2.13
C GLY A 552 -2.87 -10.45 -2.47
N GLY A 553 -2.50 -9.17 -2.49
CA GLY A 553 -3.44 -8.12 -2.82
C GLY A 553 -2.92 -7.18 -3.91
N ALA A 554 -3.80 -6.81 -4.83
CA ALA A 554 -3.48 -5.88 -5.92
C ALA A 554 -2.38 -6.52 -6.78
N ASN A 555 -1.18 -5.93 -6.82
CA ASN A 555 -0.10 -6.57 -7.57
C ASN A 555 0.13 -7.98 -6.98
N GLY A 556 -0.17 -8.15 -5.68
CA GLY A 556 -0.09 -9.46 -5.04
C GLY A 556 -1.24 -10.35 -5.49
N GLY A 557 -2.35 -9.76 -5.94
CA GLY A 557 -3.50 -10.52 -6.41
C GLY A 557 -3.11 -11.12 -7.75
N LEU A 558 -2.41 -10.31 -8.54
CA LEU A 558 -1.89 -10.75 -9.84
C LEU A 558 -0.94 -11.93 -9.57
N LEU A 559 -0.09 -11.77 -8.56
CA LEU A 559 0.88 -12.82 -8.19
C LEU A 559 0.22 -14.17 -7.97
N VAL A 560 -0.71 -14.22 -7.03
CA VAL A 560 -1.33 -15.49 -6.73
C VAL A 560 -2.21 -16.05 -7.84
N ALA A 561 -2.89 -15.18 -8.59
CA ALA A 561 -3.73 -15.62 -9.71
C ALA A 561 -2.86 -16.26 -10.80
N THR A 562 -1.72 -15.64 -11.09
CA THR A 562 -0.82 -16.18 -12.09
C THR A 562 -0.25 -17.51 -11.60
N CYS A 563 0.09 -17.58 -10.32
CA CYS A 563 0.64 -18.80 -9.76
C CYS A 563 -0.35 -19.95 -9.83
N ALA A 564 -1.64 -19.63 -9.72
CA ALA A 564 -2.69 -20.65 -9.80
C ALA A 564 -2.73 -21.23 -11.21
N ASN A 565 -2.64 -20.36 -12.22
CA ASN A 565 -2.66 -20.80 -13.63
C ASN A 565 -1.42 -21.63 -13.97
N GLN A 566 -0.26 -21.16 -13.50
CA GLN A 566 1.02 -21.81 -13.79
C GLN A 566 1.31 -23.10 -13.03
N ARG A 567 0.94 -23.16 -11.75
CA ARG A 567 1.21 -24.36 -10.97
C ARG A 567 0.00 -24.69 -10.12
N PRO A 568 -1.14 -25.05 -10.74
CA PRO A 568 -2.35 -25.39 -9.97
C PRO A 568 -2.11 -26.56 -9.00
N ASP A 569 -1.14 -27.40 -9.32
CA ASP A 569 -0.81 -28.60 -8.51
C ASP A 569 -0.09 -28.28 -7.21
N LEU A 570 0.40 -27.05 -7.08
CA LEU A 570 1.18 -26.65 -5.93
C LEU A 570 0.37 -26.08 -4.76
N PHE A 571 -0.86 -25.66 -5.04
CA PHE A 571 -1.68 -25.00 -4.03
C PHE A 571 -3.05 -25.62 -3.80
N GLY A 572 -3.51 -25.57 -2.54
CA GLY A 572 -4.84 -26.07 -2.23
C GLY A 572 -5.86 -24.95 -2.25
N CYS A 573 -5.43 -23.74 -1.92
CA CYS A 573 -6.33 -22.61 -1.85
C CYS A 573 -5.63 -21.32 -2.24
N VAL A 574 -6.35 -20.42 -2.93
CA VAL A 574 -5.80 -19.14 -3.38
C VAL A 574 -6.81 -18.04 -3.09
N ILE A 575 -6.37 -17.01 -2.36
CA ILE A 575 -7.23 -15.86 -2.06
C ILE A 575 -6.56 -14.64 -2.71
N ALA A 576 -7.20 -14.10 -3.73
CA ALA A 576 -6.64 -12.95 -4.43
C ALA A 576 -7.48 -11.73 -4.11
N GLN A 577 -6.88 -10.76 -3.43
CA GLN A 577 -7.59 -9.54 -3.07
C GLN A 577 -7.32 -8.41 -4.07
N VAL A 578 -8.38 -7.74 -4.53
CA VAL A 578 -8.32 -6.59 -5.44
C VAL A 578 -7.16 -6.68 -6.44
N GLY A 579 -7.10 -7.80 -7.15
CA GLY A 579 -6.01 -8.05 -8.10
C GLY A 579 -6.10 -7.53 -9.50
N VAL A 580 -4.94 -7.26 -10.08
CA VAL A 580 -4.83 -6.77 -11.45
C VAL A 580 -4.82 -8.07 -12.27
N MET A 581 -5.95 -8.34 -12.93
CA MET A 581 -6.09 -9.59 -13.71
C MET A 581 -5.99 -9.46 -15.22
N ASP A 582 -6.45 -8.34 -15.75
CA ASP A 582 -6.37 -8.13 -17.18
C ASP A 582 -5.12 -7.30 -17.45
N MET A 583 -4.02 -7.98 -17.77
CA MET A 583 -2.78 -7.27 -18.00
C MET A 583 -2.70 -6.56 -19.35
N LEU A 584 -3.68 -6.80 -20.21
CA LEU A 584 -3.72 -6.16 -21.54
C LEU A 584 -4.49 -4.84 -21.51
N LYS A 585 -5.36 -4.66 -20.51
CA LYS A 585 -6.14 -3.45 -20.42
C LYS A 585 -6.00 -2.63 -19.14
N PHE A 586 -5.18 -3.08 -18.19
CA PHE A 586 -5.06 -2.34 -16.92
C PHE A 586 -4.78 -0.85 -17.07
N HIS A 587 -4.00 -0.48 -18.08
CA HIS A 587 -3.61 0.91 -18.26
C HIS A 587 -4.73 1.85 -18.71
N LYS A 588 -5.86 1.28 -19.11
CA LYS A 588 -6.98 2.07 -19.60
C LYS A 588 -7.87 2.74 -18.55
N TYR A 589 -7.80 2.26 -17.32
CA TYR A 589 -8.68 2.75 -16.26
C TYR A 589 -8.01 3.51 -15.13
N THR A 590 -8.78 4.42 -14.55
CA THR A 590 -8.34 5.30 -13.44
C THR A 590 -6.85 5.63 -13.43
N ILE A 591 -6.11 5.11 -12.45
CA ILE A 591 -4.68 5.42 -12.34
C ILE A 591 -3.79 4.29 -12.88
N GLY A 592 -4.40 3.34 -13.59
CA GLY A 592 -3.67 2.23 -14.16
C GLY A 592 -2.50 2.56 -15.07
N HIS A 593 -2.59 3.71 -15.74
CA HIS A 593 -1.52 4.12 -16.63
C HIS A 593 -0.20 4.30 -15.90
N ALA A 594 -0.26 4.52 -14.59
CA ALA A 594 0.98 4.73 -13.83
C ALA A 594 1.77 3.45 -13.57
N TRP A 595 1.13 2.28 -13.74
CA TRP A 595 1.78 1.01 -13.44
C TRP A 595 2.61 0.42 -14.58
N THR A 596 2.59 1.08 -15.74
CA THR A 596 3.35 0.58 -16.88
C THR A 596 4.85 0.55 -16.64
N THR A 597 5.36 1.27 -15.63
CA THR A 597 6.78 1.26 -15.32
C THR A 597 7.20 -0.10 -14.74
N ASP A 598 6.24 -0.84 -14.15
CA ASP A 598 6.53 -2.17 -13.60
C ASP A 598 6.13 -3.27 -14.58
N TYR A 599 5.00 -3.07 -15.25
CA TYR A 599 4.44 -4.09 -16.14
C TYR A 599 4.70 -4.01 -17.64
N GLY A 600 4.84 -2.79 -18.16
CA GLY A 600 4.97 -2.58 -19.58
C GLY A 600 3.56 -2.18 -20.03
N CYS A 601 3.35 -2.05 -21.34
CA CYS A 601 2.04 -1.65 -21.86
C CYS A 601 1.78 -2.43 -23.16
N SER A 602 0.59 -3.04 -23.25
CA SER A 602 0.24 -3.86 -24.41
C SER A 602 0.32 -3.19 -25.76
N ASP A 603 0.34 -1.85 -25.79
CA ASP A 603 0.44 -1.13 -27.05
C ASP A 603 1.77 -1.43 -27.73
N SER A 604 2.77 -1.79 -26.93
CA SER A 604 4.08 -2.13 -27.46
C SER A 604 4.13 -3.62 -27.78
N LYS A 605 4.65 -3.94 -28.95
CA LYS A 605 4.77 -5.33 -29.40
C LYS A 605 5.59 -6.15 -28.40
N GLN A 606 6.73 -5.61 -28.00
CA GLN A 606 7.61 -6.28 -27.06
C GLN A 606 6.94 -6.54 -25.73
N HIS A 607 6.31 -5.51 -25.17
CA HIS A 607 5.63 -5.63 -23.89
C HIS A 607 4.50 -6.63 -23.97
N PHE A 608 3.73 -6.56 -25.05
CA PHE A 608 2.62 -7.48 -25.22
C PHE A 608 3.10 -8.92 -25.10
N GLU A 609 4.26 -9.21 -25.71
CA GLU A 609 4.81 -10.56 -25.67
C GLU A 609 5.14 -11.02 -24.26
N TRP A 610 5.49 -10.10 -23.36
CA TRP A 610 5.76 -10.49 -21.98
C TRP A 610 4.41 -10.71 -21.28
N LEU A 611 3.56 -9.70 -21.41
CA LEU A 611 2.26 -9.66 -20.76
C LEU A 611 1.35 -10.84 -21.07
N ILE A 612 1.29 -11.26 -22.33
CA ILE A 612 0.38 -12.34 -22.72
C ILE A 612 0.69 -13.68 -22.08
N LYS A 613 1.96 -13.89 -21.71
CA LYS A 613 2.38 -15.15 -21.12
C LYS A 613 1.95 -15.34 -19.68
N TYR A 614 1.71 -14.25 -18.96
CA TYR A 614 1.34 -14.38 -17.54
C TYR A 614 0.01 -13.74 -17.12
N SER A 615 -0.56 -12.88 -17.97
CA SER A 615 -1.83 -12.19 -17.65
C SER A 615 -2.82 -13.24 -17.14
N PRO A 616 -3.28 -13.12 -15.87
CA PRO A 616 -4.23 -14.12 -15.37
C PRO A 616 -5.45 -14.38 -16.25
N LEU A 617 -6.09 -13.30 -16.72
CA LEU A 617 -7.29 -13.41 -17.54
C LEU A 617 -7.07 -14.16 -18.86
N HIS A 618 -5.84 -14.18 -19.34
CA HIS A 618 -5.53 -14.79 -20.61
C HIS A 618 -4.79 -16.11 -20.54
N ASN A 619 -4.70 -16.66 -19.33
CA ASN A 619 -4.01 -17.94 -19.15
C ASN A 619 -4.76 -18.96 -18.31
N VAL A 620 -6.09 -18.88 -18.32
CA VAL A 620 -6.93 -19.84 -17.60
C VAL A 620 -6.98 -21.03 -18.56
N LYS A 621 -6.50 -22.18 -18.10
CA LYS A 621 -6.47 -23.37 -18.94
C LYS A 621 -6.60 -24.62 -18.09
N LEU A 622 -7.41 -25.56 -18.55
CA LEU A 622 -7.60 -26.81 -17.82
C LEU A 622 -6.28 -27.56 -17.70
N PRO A 623 -5.95 -28.04 -16.48
CA PRO A 623 -4.69 -28.77 -16.32
C PRO A 623 -4.74 -30.00 -17.23
N GLU A 624 -3.61 -30.35 -17.84
CA GLU A 624 -3.52 -31.50 -18.74
C GLU A 624 -3.76 -32.83 -18.05
N ALA A 625 -3.13 -33.03 -16.89
CA ALA A 625 -3.26 -34.27 -16.14
C ALA A 625 -4.67 -34.44 -15.54
N ASP A 626 -5.21 -35.65 -15.67
CA ASP A 626 -6.54 -35.95 -15.16
C ASP A 626 -6.65 -35.79 -13.65
N ASP A 627 -5.58 -36.08 -12.93
CA ASP A 627 -5.58 -35.97 -11.48
C ASP A 627 -5.28 -34.57 -10.94
N ILE A 628 -5.29 -33.58 -11.83
CA ILE A 628 -5.01 -32.20 -11.41
C ILE A 628 -6.16 -31.27 -11.81
N GLN A 629 -6.64 -30.51 -10.85
CA GLN A 629 -7.72 -29.53 -11.06
C GLN A 629 -7.18 -28.21 -10.50
N TYR A 630 -7.92 -27.12 -10.67
CA TYR A 630 -7.48 -25.84 -10.12
C TYR A 630 -7.70 -25.85 -8.61
N PRO A 631 -6.89 -25.06 -7.88
CA PRO A 631 -7.09 -25.02 -6.43
C PRO A 631 -8.38 -24.25 -6.14
N SER A 632 -8.86 -24.32 -4.91
CA SER A 632 -10.05 -23.57 -4.53
C SER A 632 -9.60 -22.09 -4.62
N MET A 633 -10.43 -21.24 -5.22
CA MET A 633 -10.07 -19.84 -5.37
C MET A 633 -11.18 -18.87 -4.94
N LEU A 634 -10.78 -17.82 -4.24
CA LEU A 634 -11.72 -16.77 -3.79
C LEU A 634 -11.12 -15.43 -4.16
N LEU A 635 -11.83 -14.65 -4.97
CA LEU A 635 -11.41 -13.31 -5.35
C LEU A 635 -12.23 -12.34 -4.51
N LEU A 636 -11.57 -11.35 -3.94
CA LEU A 636 -12.27 -10.36 -3.12
C LEU A 636 -12.05 -8.98 -3.69
N THR A 637 -13.14 -8.28 -3.96
CA THR A 637 -13.04 -6.91 -4.45
C THR A 637 -14.23 -6.13 -3.88
N ALA A 638 -14.33 -4.85 -4.25
CA ALA A 638 -15.40 -3.98 -3.73
C ALA A 638 -15.78 -3.01 -4.85
N ASP A 639 -17.04 -2.56 -4.82
CA ASP A 639 -17.54 -1.69 -5.88
C ASP A 639 -17.02 -0.27 -5.98
N HIS A 640 -16.29 0.18 -4.96
CA HIS A 640 -15.70 1.51 -5.01
C HIS A 640 -14.18 1.39 -5.10
N ASP A 641 -13.68 0.22 -5.53
CA ASP A 641 -12.24 0.11 -5.67
C ASP A 641 -11.81 0.77 -6.98
N ASP A 642 -11.53 2.06 -6.90
CA ASP A 642 -11.06 2.83 -8.04
C ASP A 642 -9.55 2.80 -8.25
N ARG A 643 -8.84 2.09 -7.36
CA ARG A 643 -7.39 1.93 -7.57
C ARG A 643 -7.25 0.80 -8.60
N VAL A 644 -7.81 -0.36 -8.30
CA VAL A 644 -7.81 -1.51 -9.24
C VAL A 644 -9.28 -1.78 -9.55
N VAL A 645 -9.79 -1.19 -10.63
CA VAL A 645 -11.20 -1.34 -10.96
C VAL A 645 -11.64 -2.78 -10.88
N PRO A 646 -12.80 -3.04 -10.23
CA PRO A 646 -13.31 -4.40 -10.06
C PRO A 646 -13.55 -5.24 -11.30
N LEU A 647 -13.64 -4.62 -12.48
CA LEU A 647 -13.82 -5.37 -13.71
C LEU A 647 -12.71 -6.43 -13.84
N HIS A 648 -11.56 -6.16 -13.23
CA HIS A 648 -10.47 -7.15 -13.29
C HIS A 648 -10.93 -8.47 -12.70
N SER A 649 -11.45 -8.41 -11.48
CA SER A 649 -11.93 -9.61 -10.81
C SER A 649 -13.21 -10.16 -11.44
N LEU A 650 -14.09 -9.28 -11.94
CA LEU A 650 -15.34 -9.76 -12.55
C LEU A 650 -15.03 -10.62 -13.80
N LYS A 651 -14.17 -10.11 -14.69
CA LYS A 651 -13.83 -10.85 -15.90
C LYS A 651 -13.06 -12.14 -15.59
N PHE A 652 -12.15 -12.07 -14.62
CA PHE A 652 -11.37 -13.24 -14.27
C PHE A 652 -12.26 -14.36 -13.70
N ILE A 653 -13.16 -14.04 -12.78
CA ILE A 653 -14.02 -15.08 -12.23
C ILE A 653 -14.98 -15.66 -13.30
N ALA A 654 -15.46 -14.82 -14.22
CA ALA A 654 -16.35 -15.31 -15.27
C ALA A 654 -15.59 -16.36 -16.11
N THR A 655 -14.33 -16.08 -16.37
CA THR A 655 -13.48 -16.96 -17.15
C THR A 655 -13.15 -18.26 -16.39
N LEU A 656 -12.80 -18.14 -15.10
CA LEU A 656 -12.52 -19.32 -14.30
C LEU A 656 -13.72 -20.25 -14.26
N GLN A 657 -14.90 -19.70 -13.99
CA GLN A 657 -16.11 -20.50 -13.92
C GLN A 657 -16.47 -21.18 -15.25
N TYR A 658 -16.24 -20.50 -16.36
CA TYR A 658 -16.58 -21.07 -17.66
C TYR A 658 -15.56 -22.11 -18.14
N ILE A 659 -14.28 -21.76 -18.17
CA ILE A 659 -13.26 -22.69 -18.67
C ILE A 659 -12.94 -23.84 -17.72
N VAL A 660 -12.83 -23.54 -16.44
CA VAL A 660 -12.47 -24.54 -15.45
C VAL A 660 -13.67 -25.04 -14.63
N GLY A 661 -14.55 -24.13 -14.22
CA GLY A 661 -15.70 -24.51 -13.42
C GLY A 661 -16.60 -25.55 -14.07
N ARG A 662 -16.71 -25.50 -15.40
CA ARG A 662 -17.55 -26.44 -16.15
C ARG A 662 -16.97 -27.83 -16.27
N SER A 663 -15.67 -27.99 -16.01
CA SER A 663 -15.06 -29.31 -16.14
C SER A 663 -15.53 -30.25 -15.04
N ARG A 664 -15.79 -31.50 -15.41
CA ARG A 664 -16.26 -32.49 -14.45
C ARG A 664 -15.29 -32.71 -13.29
N LYS A 665 -14.00 -32.70 -13.59
CA LYS A 665 -13.00 -32.93 -12.55
C LYS A 665 -12.82 -31.78 -11.57
N GLN A 666 -13.33 -30.60 -11.91
CA GLN A 666 -13.18 -29.46 -11.01
C GLN A 666 -14.21 -29.55 -9.89
N ASN A 667 -13.76 -29.86 -8.69
CA ASN A 667 -14.63 -29.96 -7.52
C ASN A 667 -14.34 -28.81 -6.54
N ASN A 668 -13.18 -28.17 -6.69
CA ASN A 668 -12.82 -27.06 -5.81
C ASN A 668 -13.59 -25.85 -6.31
N PRO A 669 -14.15 -25.04 -5.40
CA PRO A 669 -14.91 -23.86 -5.82
C PRO A 669 -14.06 -22.68 -6.33
N LEU A 670 -14.66 -21.89 -7.20
CA LEU A 670 -14.04 -20.71 -7.79
C LEU A 670 -15.09 -19.62 -7.57
N LEU A 671 -14.87 -18.79 -6.54
CA LEU A 671 -15.85 -17.77 -6.15
C LEU A 671 -15.34 -16.33 -6.05
N ILE A 672 -16.26 -15.37 -6.08
CA ILE A 672 -15.92 -13.98 -5.92
C ILE A 672 -16.90 -13.34 -4.94
N HIS A 673 -16.42 -12.37 -4.18
CA HIS A 673 -17.29 -11.62 -3.29
C HIS A 673 -17.00 -10.16 -3.56
N VAL A 674 -18.04 -9.41 -3.93
CA VAL A 674 -17.90 -7.98 -4.19
C VAL A 674 -18.57 -7.26 -3.03
N ASP A 675 -17.80 -6.51 -2.26
CA ASP A 675 -18.35 -5.78 -1.12
C ASP A 675 -18.90 -4.44 -1.59
N THR A 676 -19.78 -3.84 -0.77
CA THR A 676 -20.33 -2.53 -1.05
C THR A 676 -19.70 -1.52 -0.09
N LYS A 677 -19.73 -0.25 -0.49
CA LYS A 677 -19.22 0.87 0.29
C LYS A 677 -17.80 0.65 0.76
N ALA A 678 -16.99 0.06 -0.12
CA ALA A 678 -15.59 -0.19 0.18
C ALA A 678 -14.82 -0.07 -1.12
N GLY A 679 -13.52 0.08 -0.99
CA GLY A 679 -12.65 0.23 -2.13
C GLY A 679 -11.39 -0.60 -2.05
N HIS A 680 -10.28 -0.03 -2.47
CA HIS A 680 -9.03 -0.78 -2.49
C HIS A 680 -8.61 -1.37 -1.14
N GLY A 681 -8.91 -0.67 -0.04
CA GLY A 681 -8.56 -1.17 1.27
C GLY A 681 -8.25 -0.11 2.30
N ALA A 682 -7.56 0.95 1.91
CA ALA A 682 -7.23 2.02 2.85
C ALA A 682 -8.51 2.66 3.40
N GLY A 683 -8.53 2.89 4.70
CA GLY A 683 -9.67 3.52 5.33
C GLY A 683 -10.83 2.59 5.59
N LYS A 684 -10.71 1.32 5.26
CA LYS A 684 -11.80 0.38 5.49
C LYS A 684 -12.12 0.32 6.99
N PRO A 685 -13.41 0.45 7.36
CA PRO A 685 -13.76 0.40 8.78
C PRO A 685 -13.48 -0.96 9.42
N THR A 686 -13.17 -0.92 10.71
CA THR A 686 -12.90 -2.13 11.49
C THR A 686 -13.95 -3.21 11.26
N ALA A 687 -15.24 -2.83 11.25
CA ALA A 687 -16.28 -3.81 11.06
C ALA A 687 -16.11 -4.62 9.78
N LYS A 688 -15.76 -3.92 8.69
CA LYS A 688 -15.57 -4.57 7.40
C LYS A 688 -14.29 -5.40 7.38
N VAL A 689 -13.26 -4.94 8.10
CA VAL A 689 -11.98 -5.66 8.16
C VAL A 689 -12.24 -7.02 8.81
N ILE A 690 -13.00 -7.03 9.89
CA ILE A 690 -13.33 -8.27 10.59
C ILE A 690 -14.15 -9.21 9.71
N GLU A 691 -15.10 -8.67 8.97
CA GLU A 691 -15.92 -9.53 8.09
C GLU A 691 -15.04 -10.14 7.01
N GLU A 692 -14.11 -9.35 6.49
CA GLU A 692 -13.20 -9.81 5.44
C GLU A 692 -12.30 -10.96 5.86
N VAL A 693 -11.58 -10.81 6.99
CA VAL A 693 -10.70 -11.89 7.44
C VAL A 693 -11.53 -13.13 7.81
N SER A 694 -12.74 -12.91 8.32
CA SER A 694 -13.62 -14.03 8.66
C SER A 694 -14.00 -14.80 7.38
N ASP A 695 -14.25 -14.08 6.28
CA ASP A 695 -14.57 -14.74 5.01
C ASP A 695 -13.36 -15.55 4.53
N MET A 696 -12.19 -14.91 4.56
CA MET A 696 -10.94 -15.53 4.13
C MET A 696 -10.66 -16.86 4.81
N PHE A 697 -10.60 -16.83 6.14
CA PHE A 697 -10.29 -18.03 6.88
C PHE A 697 -11.39 -19.08 6.94
N ALA A 698 -12.63 -18.67 6.72
CA ALA A 698 -13.73 -19.63 6.67
C ALA A 698 -13.57 -20.36 5.33
N PHE A 699 -13.19 -19.63 4.29
CA PHE A 699 -13.00 -20.23 2.98
C PHE A 699 -11.89 -21.29 3.06
N ILE A 700 -10.76 -20.92 3.65
CA ILE A 700 -9.63 -21.84 3.81
C ILE A 700 -10.07 -23.06 4.62
N ALA A 701 -10.75 -22.80 5.72
CA ALA A 701 -11.22 -23.86 6.62
C ALA A 701 -12.13 -24.86 5.92
N ARG A 702 -13.12 -24.35 5.20
CA ARG A 702 -14.05 -25.25 4.51
C ARG A 702 -13.40 -26.00 3.35
N CYS A 703 -12.63 -25.31 2.52
CA CYS A 703 -12.00 -25.97 1.40
C CYS A 703 -10.98 -27.03 1.79
N LEU A 704 -10.26 -26.82 2.89
CA LEU A 704 -9.25 -27.78 3.34
C LEU A 704 -9.72 -28.68 4.50
N ASN A 705 -10.97 -28.50 4.92
CA ASN A 705 -11.58 -29.26 6.02
C ASN A 705 -10.77 -29.18 7.31
N ILE A 706 -10.43 -27.96 7.70
CA ILE A 706 -9.66 -27.72 8.91
C ILE A 706 -10.56 -27.55 10.13
N ASP A 707 -10.25 -28.29 11.19
CA ASP A 707 -11.02 -28.21 12.43
C ASP A 707 -10.53 -27.02 13.25
N TRP A 708 -11.46 -26.38 13.95
CA TRP A 708 -11.14 -25.25 14.80
C TRP A 708 -10.53 -25.78 16.10
N ILE A 709 -9.45 -25.15 16.55
CA ILE A 709 -8.80 -25.54 17.79
C ILE A 709 -9.11 -24.41 18.77
N PRO A 710 -10.02 -24.65 19.72
CA PRO A 710 -10.45 -23.68 20.74
C PRO A 710 -9.29 -23.11 21.56
N GLY B 2 -0.03 7.49 -3.01
CA GLY B 2 0.61 6.24 -3.41
C GLY B 2 -0.45 5.76 -4.39
N PHE B 3 -0.15 5.86 -5.59
CA PHE B 3 -1.12 5.49 -6.64
C PHE B 3 -0.84 4.12 -7.28
N GLY B 4 -0.05 3.31 -6.60
CA GLY B 4 0.28 1.99 -7.13
C GLY B 4 -0.73 0.95 -6.70
N PRO B 5 -0.71 -0.24 -7.33
CA PRO B 5 -1.66 -1.29 -6.97
C PRO B 5 -1.06 -1.97 -5.73
N PHE B 6 -1.12 -1.26 -4.61
CA PHE B 6 -0.54 -1.68 -3.33
C PHE B 6 -1.37 -2.64 -2.48
N GLY B 7 -2.69 -2.53 -2.59
CA GLY B 7 -3.56 -3.39 -1.81
C GLY B 7 -4.12 -2.65 -0.60
#